data_6O4A
#
_entry.id   6O4A
#
_cell.length_a   62.820
_cell.length_b   32.650
_cell.length_c   178.190
_cell.angle_alpha   90.000
_cell.angle_beta   90.010
_cell.angle_gamma   90.000
#
_symmetry.space_group_name_H-M   'P 1 21 1'
#
loop_
_entity.id
_entity.type
_entity.pdbx_description
1 polymer 'Ubiquitin-like protein SMT3,Peptidyl-prolyl cis-trans isomerase'
2 non-polymer 'CALCIUM ION'
3 non-polymer '2-(pyridin-3-ylcarbonylamino)ethyl (2~{S})-1-(phenylmethyl)sulfonylpiperidine-2-carboxylate'
4 water water
#
_entity_poly.entity_id   1
_entity_poly.type   'polypeptide(L)'
_entity_poly.pdbx_seq_one_letter_code
;MGHHHHHHSGEVKPEVKPETHINLKVSDGSSEIFFKIKKTTPLRRLMEAFAKRQGKEMDSLRFLYDGIRIQADQTPEDLD
MEDNDIIEAHREQIGGSTVVTTESGLKYEDLTEGSGAEARAGQTVSVHYTGWLTDGQKFDSSKDRNDPFAFVLGGGMVIK
GWDEGVQGMKVGGVRRLTIPPQLGYGARGAGGVIPPNATLVFEVELLDV
;
_entity_poly.pdbx_strand_id   A,B,C,D
#
# COMPACT_ATOMS: atom_id res chain seq x y z
N GLU A 19 -7.09 53.53 -17.01
CA GLU A 19 -6.04 54.38 -16.46
C GLU A 19 -4.69 53.65 -16.37
N THR A 20 -4.03 53.81 -15.23
CA THR A 20 -2.67 53.30 -15.04
C THR A 20 -2.62 51.79 -14.82
N HIS A 21 -3.69 51.20 -14.30
CA HIS A 21 -3.64 49.81 -13.88
C HIS A 21 -4.53 48.94 -14.78
N ILE A 22 -4.35 47.62 -14.63
CA ILE A 22 -5.04 46.63 -15.46
C ILE A 22 -5.38 45.42 -14.60
N ASN A 23 -6.55 44.86 -14.84
CA ASN A 23 -6.98 43.64 -14.16
C ASN A 23 -6.77 42.46 -15.10
N LEU A 24 -6.07 41.46 -14.61
CA LEU A 24 -5.77 40.26 -15.38
C LEU A 24 -6.26 39.03 -14.62
N LYS A 25 -6.90 38.13 -15.35
CA LYS A 25 -7.33 36.87 -14.78
C LYS A 25 -6.24 35.84 -15.03
N VAL A 26 -5.93 35.04 -14.01
CA VAL A 26 -4.99 33.94 -14.17
C VAL A 26 -5.73 32.64 -13.84
N SER A 27 -5.75 31.74 -14.81
CA SER A 27 -6.40 30.44 -14.67
C SER A 27 -5.36 29.34 -14.73
N ASP A 28 -5.48 28.34 -13.86
CA ASP A 28 -4.61 27.16 -13.93
C ASP A 28 -5.38 25.91 -14.32
N GLY A 29 -6.54 26.06 -14.97
CA GLY A 29 -7.36 24.92 -15.31
C GLY A 29 -8.28 24.43 -14.20
N SER A 30 -8.06 24.85 -12.96
CA SER A 30 -8.90 24.44 -11.85
C SER A 30 -9.70 25.59 -11.26
N SER A 31 -9.05 26.71 -10.97
CA SER A 31 -9.70 27.91 -10.48
C SER A 31 -9.12 29.11 -11.22
N GLU A 32 -9.65 30.30 -10.91
CA GLU A 32 -9.27 31.55 -11.55
C GLU A 32 -9.25 32.65 -10.50
N ILE A 33 -8.15 33.39 -10.44
CA ILE A 33 -8.00 34.54 -9.56
C ILE A 33 -7.55 35.73 -10.40
N PHE A 34 -7.82 36.94 -9.88
CA PHE A 34 -7.55 38.18 -10.60
C PHE A 34 -6.37 38.92 -9.97
N PHE A 35 -5.64 39.65 -10.80
CA PHE A 35 -4.55 40.51 -10.34
C PHE A 35 -4.72 41.90 -10.92
N LYS A 36 -4.53 42.91 -10.08
CA LYS A 36 -4.51 44.29 -10.51
C LYS A 36 -3.08 44.78 -10.34
N ILE A 37 -2.47 45.22 -11.45
CA ILE A 37 -1.10 45.72 -11.45
C ILE A 37 -1.03 46.92 -12.40
N LYS A 38 0.04 47.69 -12.24
CA LYS A 38 0.27 48.79 -13.17
C LYS A 38 0.68 48.23 -14.52
N LYS A 39 0.20 48.88 -15.57
CA LYS A 39 0.49 48.41 -16.93
C LYS A 39 1.97 48.49 -17.25
N THR A 40 2.73 49.31 -16.53
CA THR A 40 4.17 49.41 -16.72
C THR A 40 4.95 48.52 -15.76
N THR A 41 4.27 47.80 -14.85
CA THR A 41 5.00 46.92 -13.94
C THR A 41 5.32 45.60 -14.66
N PRO A 42 6.55 45.10 -14.52
CA PRO A 42 6.86 43.79 -15.11
C PRO A 42 6.00 42.69 -14.49
N LEU A 43 5.56 41.76 -15.35
CA LEU A 43 4.68 40.69 -14.92
C LEU A 43 5.33 39.73 -13.94
N ARG A 44 6.63 39.86 -13.69
CA ARG A 44 7.31 39.03 -12.70
C ARG A 44 6.59 39.03 -11.35
N ARG A 45 6.16 40.21 -10.88
CA ARG A 45 5.49 40.30 -9.59
C ARG A 45 4.18 39.51 -9.58
N LEU A 46 3.41 39.60 -10.66
CA LEU A 46 2.20 38.80 -10.77
C LEU A 46 2.53 37.31 -10.75
N MET A 47 3.53 36.91 -11.54
CA MET A 47 3.93 35.51 -11.58
C MET A 47 4.41 35.05 -10.22
N GLU A 48 5.16 35.90 -9.52
CA GLU A 48 5.63 35.56 -8.19
C GLU A 48 4.46 35.46 -7.21
N ALA A 49 3.56 36.45 -7.23
CA ALA A 49 2.40 36.40 -6.34
C ALA A 49 1.53 35.18 -6.63
N PHE A 50 1.39 34.81 -7.91
CA PHE A 50 0.63 33.62 -8.22
C PHE A 50 1.34 32.38 -7.70
N ALA A 51 2.66 32.28 -7.95
CA ALA A 51 3.42 31.09 -7.55
C ALA A 51 3.49 30.94 -6.04
N LYS A 52 3.78 32.04 -5.32
CA LYS A 52 3.85 32.00 -3.86
C LYS A 52 2.49 31.62 -3.26
N ARG A 53 1.41 32.00 -3.93
CA ARG A 53 0.08 31.67 -3.44
C ARG A 53 -0.19 30.17 -3.53
N GLN A 54 0.25 29.53 -4.60
CA GLN A 54 0.03 28.11 -4.82
C GLN A 54 1.16 27.25 -4.23
N GLY A 55 2.01 27.84 -3.38
CA GLY A 55 3.12 27.14 -2.78
C GLY A 55 4.06 26.47 -3.77
N LYS A 56 4.23 27.09 -4.94
CA LYS A 56 5.03 26.51 -6.00
C LYS A 56 6.23 27.40 -6.33
N GLU A 57 7.26 26.76 -6.88
CA GLU A 57 8.44 27.48 -7.34
C GLU A 57 8.16 28.16 -8.68
N MET A 58 8.77 29.33 -8.86
CA MET A 58 8.59 30.06 -10.11
C MET A 58 9.07 29.27 -11.31
N ASP A 59 10.20 28.56 -11.17
CA ASP A 59 10.73 27.76 -12.27
C ASP A 59 9.77 26.66 -12.70
N SER A 60 8.96 26.14 -11.77
CA SER A 60 8.05 25.04 -12.10
C SER A 60 6.82 25.49 -12.89
N LEU A 61 6.61 26.80 -13.05
CA LEU A 61 5.42 27.30 -13.72
C LEU A 61 5.76 27.93 -15.06
N ARG A 62 4.81 27.82 -15.98
CA ARG A 62 4.89 28.48 -17.28
C ARG A 62 3.60 29.28 -17.45
N PHE A 63 3.75 30.57 -17.73
CA PHE A 63 2.64 31.48 -17.92
C PHE A 63 2.52 31.81 -19.39
N LEU A 64 1.33 31.58 -19.95
CA LEU A 64 1.09 31.79 -21.38
C LEU A 64 0.01 32.85 -21.59
N TYR A 65 0.25 33.69 -22.59
CA TYR A 65 -0.70 34.73 -22.98
C TYR A 65 -0.81 34.72 -24.50
N ASP A 66 -2.05 34.69 -25.01
CA ASP A 66 -2.31 34.52 -26.45
C ASP A 66 -1.54 33.33 -26.99
N GLY A 67 -1.38 32.30 -26.16
CA GLY A 67 -0.65 31.10 -26.52
C GLY A 67 0.86 31.24 -26.47
N ILE A 68 1.39 32.43 -26.19
CA ILE A 68 2.83 32.67 -26.16
C ILE A 68 3.26 32.78 -24.71
N ARG A 69 4.40 32.15 -24.38
CA ARG A 69 4.89 32.18 -23.02
C ARG A 69 5.33 33.59 -22.63
N ILE A 70 4.91 34.01 -21.43
CA ILE A 70 5.27 35.32 -20.88
C ILE A 70 6.63 35.23 -20.23
N GLN A 71 7.49 36.21 -20.52
CA GLN A 71 8.76 36.37 -19.84
C GLN A 71 8.60 37.41 -18.72
N ALA A 72 9.25 37.16 -17.58
CA ALA A 72 9.03 37.96 -16.38
C ALA A 72 9.38 39.43 -16.59
N ASP A 73 10.33 39.73 -17.48
CA ASP A 73 10.68 41.12 -17.72
C ASP A 73 9.59 41.87 -18.47
N GLN A 74 8.70 41.16 -19.17
CA GLN A 74 7.67 41.81 -19.97
C GLN A 74 6.57 42.42 -19.10
N THR A 75 6.03 43.53 -19.57
CA THR A 75 4.95 44.24 -18.90
C THR A 75 3.65 44.06 -19.67
N PRO A 76 2.50 44.35 -19.05
CA PRO A 76 1.25 44.34 -19.82
C PRO A 76 1.30 45.27 -21.02
N GLU A 77 1.91 46.45 -20.88
CA GLU A 77 2.04 47.37 -22.00
C GLU A 77 2.84 46.74 -23.13
N ASP A 78 3.97 46.11 -22.80
CA ASP A 78 4.77 45.41 -23.80
C ASP A 78 3.91 44.42 -24.59
N LEU A 79 3.07 43.67 -23.88
CA LEU A 79 2.27 42.61 -24.48
C LEU A 79 0.92 43.10 -24.99
N ASP A 80 0.66 44.40 -24.92
CA ASP A 80 -0.62 45.00 -25.36
C ASP A 80 -1.81 44.29 -24.72
N MET A 81 -1.71 44.07 -23.41
CA MET A 81 -2.78 43.41 -22.69
C MET A 81 -3.96 44.34 -22.50
N GLU A 82 -5.16 43.77 -22.49
CA GLU A 82 -6.38 44.51 -22.22
C GLU A 82 -6.93 44.10 -20.86
N ASP A 83 -7.78 44.95 -20.32
CA ASP A 83 -8.41 44.67 -19.04
C ASP A 83 -9.19 43.36 -19.13
N ASN A 84 -9.08 42.54 -18.09
CA ASN A 84 -9.73 41.22 -18.00
C ASN A 84 -9.22 40.20 -19.02
N ASP A 85 -8.05 40.44 -19.62
CA ASP A 85 -7.41 39.39 -20.39
C ASP A 85 -7.03 38.22 -19.47
N ILE A 86 -6.81 37.06 -20.09
CA ILE A 86 -6.58 35.82 -19.35
C ILE A 86 -5.15 35.35 -19.57
N ILE A 87 -4.47 35.00 -18.47
CA ILE A 87 -3.17 34.36 -18.48
C ILE A 87 -3.35 32.92 -18.00
N GLU A 88 -2.78 31.98 -18.73
CA GLU A 88 -2.81 30.57 -18.35
C GLU A 88 -1.52 30.17 -17.65
N ALA A 89 -1.64 29.56 -16.48
CA ALA A 89 -0.52 29.02 -15.73
C ALA A 89 -0.54 27.50 -15.87
N HIS A 90 0.55 26.92 -16.37
CA HIS A 90 0.65 25.49 -16.62
C HIS A 90 1.71 24.88 -15.72
N ARG A 91 1.44 23.66 -15.25
CA ARG A 91 2.34 22.95 -14.35
C ARG A 91 2.99 21.71 -14.96
N GLU A 92 2.79 21.43 -16.24
CA GLU A 92 3.19 20.14 -16.79
C GLU A 92 4.25 20.31 -17.88
N GLN A 93 5.03 19.22 -18.06
CA GLN A 93 6.03 19.06 -19.12
C GLN A 93 5.73 19.79 -20.43
N GLY A 96 4.15 19.06 -23.57
CA GLY A 96 2.84 18.78 -24.10
C GLY A 96 1.87 18.17 -23.10
N SER A 97 0.76 18.86 -22.84
CA SER A 97 -0.25 18.32 -21.92
C SER A 97 -1.18 17.35 -22.66
N THR A 98 -1.69 16.37 -21.92
CA THR A 98 -2.52 15.33 -22.49
C THR A 98 -3.71 15.08 -21.57
N VAL A 99 -4.92 15.26 -22.08
CA VAL A 99 -6.12 14.96 -21.31
C VAL A 99 -6.71 13.68 -21.88
N VAL A 100 -6.82 12.66 -21.04
CA VAL A 100 -7.33 11.35 -21.44
C VAL A 100 -8.81 11.27 -21.05
N THR A 101 -9.65 10.82 -21.98
CA THR A 101 -11.05 10.50 -21.69
C THR A 101 -11.21 9.00 -21.81
N THR A 102 -11.61 8.37 -20.71
CA THR A 102 -11.72 6.92 -20.69
C THR A 102 -13.09 6.49 -21.21
N GLU A 103 -13.29 5.17 -21.28
CA GLU A 103 -14.55 4.61 -21.79
C GLU A 103 -15.76 5.04 -20.96
N SER A 104 -15.56 5.34 -19.67
CA SER A 104 -16.64 5.78 -18.79
C SER A 104 -16.98 7.27 -18.95
N GLY A 105 -16.16 8.05 -19.67
CA GLY A 105 -16.33 9.48 -19.71
C GLY A 105 -15.53 10.24 -18.68
N LEU A 106 -14.84 9.54 -17.78
CA LEU A 106 -13.91 10.20 -16.89
C LEU A 106 -12.82 10.88 -17.70
N LYS A 107 -12.41 12.07 -17.27
CA LYS A 107 -11.26 12.72 -17.86
C LYS A 107 -10.16 12.85 -16.82
N TYR A 108 -8.91 12.62 -17.23
CA TYR A 108 -7.80 12.85 -16.32
C TYR A 108 -6.60 13.40 -17.08
N GLU A 109 -5.72 14.04 -16.34
CA GLU A 109 -4.52 14.65 -16.88
C GLU A 109 -3.45 14.54 -15.82
N ASP A 110 -2.30 13.93 -16.15
CA ASP A 110 -1.20 13.87 -15.21
C ASP A 110 -0.48 15.22 -15.22
N LEU A 111 -0.63 15.99 -14.16
CA LEU A 111 0.11 17.26 -14.07
C LEU A 111 1.55 16.99 -13.68
N THR A 112 1.77 16.01 -12.81
CA THR A 112 3.08 15.53 -12.43
C THR A 112 3.04 14.02 -12.45
N GLU A 113 3.95 13.40 -13.20
CA GLU A 113 4.04 11.95 -13.26
C GLU A 113 4.90 11.48 -12.09
N GLY A 114 4.34 10.65 -11.22
CA GLY A 114 5.13 10.21 -10.08
C GLY A 114 6.17 9.18 -10.52
N SER A 115 7.10 8.88 -9.61
CA SER A 115 8.15 7.90 -9.91
C SER A 115 8.23 6.76 -8.90
N GLY A 116 7.45 6.80 -7.82
CA GLY A 116 7.38 5.74 -6.83
C GLY A 116 6.38 4.65 -7.20
N ALA A 117 5.87 3.98 -6.19
CA ALA A 117 5.05 2.79 -6.41
C ALA A 117 3.71 3.14 -7.04
N GLU A 118 3.20 2.20 -7.84
CA GLU A 118 1.95 2.39 -8.56
C GLU A 118 0.74 1.99 -7.73
N ALA A 119 -0.30 2.82 -7.77
CA ALA A 119 -1.57 2.51 -7.12
C ALA A 119 -2.45 1.61 -8.00
N ARG A 120 -2.87 0.46 -7.46
CA ARG A 120 -3.73 -0.48 -8.15
C ARG A 120 -4.92 -0.86 -7.26
N ALA A 121 -6.00 -1.29 -7.91
CA ALA A 121 -7.22 -1.68 -7.20
C ALA A 121 -6.87 -2.68 -6.10
N GLY A 122 -7.44 -2.46 -4.91
CA GLY A 122 -7.17 -3.28 -3.75
C GLY A 122 -6.18 -2.67 -2.77
N GLN A 123 -5.30 -1.79 -3.23
CA GLN A 123 -4.37 -1.11 -2.32
C GLN A 123 -5.02 0.06 -1.59
N THR A 124 -4.57 0.28 -0.36
CA THR A 124 -4.92 1.47 0.42
C THR A 124 -3.93 2.57 0.07
N VAL A 125 -4.42 3.60 -0.60
CA VAL A 125 -3.58 4.70 -1.04
C VAL A 125 -3.83 5.90 -0.15
N SER A 126 -2.80 6.70 0.08
CA SER A 126 -2.93 7.93 0.87
C SER A 126 -2.65 9.11 -0.05
N VAL A 127 -3.54 10.10 -0.02
CA VAL A 127 -3.48 11.23 -0.96
C VAL A 127 -3.77 12.53 -0.23
N HIS A 128 -3.35 13.63 -0.85
CA HIS A 128 -3.92 14.95 -0.63
C HIS A 128 -4.72 15.33 -1.86
N TYR A 129 -5.80 16.09 -1.66
CA TYR A 129 -6.65 16.46 -2.76
C TYR A 129 -7.28 17.82 -2.50
N THR A 130 -7.70 18.43 -3.58
CA THR A 130 -8.59 19.59 -3.56
C THR A 130 -9.68 19.33 -4.58
N GLY A 131 -10.91 19.69 -4.24
CA GLY A 131 -12.02 19.52 -5.16
C GLY A 131 -12.69 20.86 -5.42
N TRP A 132 -12.99 21.14 -6.70
CA TRP A 132 -13.69 22.34 -7.12
C TRP A 132 -14.86 21.95 -8.02
N LEU A 133 -15.88 22.81 -8.02
CA LEU A 133 -16.86 22.77 -9.09
C LEU A 133 -16.23 23.33 -10.36
N THR A 134 -16.87 23.05 -11.49
CA THR A 134 -16.31 23.51 -12.75
C THR A 134 -16.34 25.03 -12.93
N ASP A 135 -17.07 25.77 -12.06
CA ASP A 135 -17.01 27.22 -12.09
C ASP A 135 -15.86 27.79 -11.27
N GLY A 136 -15.03 26.92 -10.69
CA GLY A 136 -13.88 27.36 -9.93
C GLY A 136 -14.07 27.49 -8.43
N GLN A 137 -15.27 27.19 -7.91
CA GLN A 137 -15.51 27.27 -6.47
C GLN A 137 -14.99 26.01 -5.78
N LYS A 138 -14.08 26.18 -4.83
CA LYS A 138 -13.55 25.05 -4.07
C LYS A 138 -14.63 24.51 -3.15
N PHE A 139 -14.79 23.18 -3.08
CA PHE A 139 -15.69 22.63 -2.08
C PHE A 139 -15.01 21.79 -0.99
N ASP A 140 -13.80 21.29 -1.21
CA ASP A 140 -13.14 20.60 -0.10
C ASP A 140 -11.66 20.43 -0.43
N SER A 141 -10.85 20.32 0.62
CA SER A 141 -9.44 20.01 0.43
C SER A 141 -8.89 19.35 1.70
N SER A 142 -8.27 18.19 1.54
CA SER A 142 -7.57 17.56 2.64
C SER A 142 -6.44 18.45 3.16
N LYS A 143 -5.84 19.27 2.29
CA LYS A 143 -4.77 20.18 2.72
C LYS A 143 -5.28 21.21 3.72
N ASP A 144 -6.54 21.64 3.58
CA ASP A 144 -7.13 22.57 4.54
C ASP A 144 -7.20 21.98 5.94
N ARG A 145 -7.44 20.67 6.04
CA ARG A 145 -7.48 20.02 7.34
C ARG A 145 -6.10 19.58 7.80
N ASN A 146 -5.06 19.80 6.98
CA ASN A 146 -3.70 19.35 7.32
C ASN A 146 -3.67 17.85 7.61
N ASP A 147 -4.37 17.10 6.79
CA ASP A 147 -4.61 15.70 7.08
C ASP A 147 -4.82 14.88 5.82
N PRO A 148 -3.85 14.05 5.42
CA PRO A 148 -4.02 13.19 4.24
C PRO A 148 -5.23 12.25 4.34
N PHE A 149 -5.77 11.92 3.18
CA PHE A 149 -6.95 11.08 3.05
C PHE A 149 -6.54 9.75 2.43
N ALA A 150 -6.99 8.65 3.02
CA ALA A 150 -6.67 7.33 2.51
C ALA A 150 -7.94 6.54 2.24
N PHE A 151 -7.88 5.67 1.22
CA PHE A 151 -9.01 4.81 0.90
C PHE A 151 -8.49 3.57 0.17
N VAL A 152 -9.32 2.53 0.19
CA VAL A 152 -9.03 1.30 -0.55
C VAL A 152 -9.43 1.51 -2.01
N LEU A 153 -8.45 1.51 -2.89
CA LEU A 153 -8.70 1.75 -4.30
C LEU A 153 -9.55 0.62 -4.88
N GLY A 154 -10.59 1.00 -5.62
CA GLY A 154 -11.50 -0.02 -6.11
C GLY A 154 -12.44 -0.56 -5.06
N GLY A 155 -12.45 0.03 -3.86
CA GLY A 155 -13.26 -0.51 -2.77
C GLY A 155 -14.68 0.01 -2.68
N GLY A 156 -15.11 0.88 -3.58
CA GLY A 156 -16.46 1.39 -3.47
C GLY A 156 -16.70 2.32 -2.30
N MET A 157 -15.63 2.89 -1.70
CA MET A 157 -15.74 3.85 -0.60
C MET A 157 -15.73 5.31 -1.04
N VAL A 158 -15.45 5.57 -2.30
CA VAL A 158 -15.39 6.92 -2.85
C VAL A 158 -16.22 6.94 -4.13
N ILE A 159 -16.46 8.13 -4.66
CA ILE A 159 -17.19 8.24 -5.91
C ILE A 159 -16.46 7.46 -7.01
N LYS A 160 -17.22 7.02 -8.01
CA LYS A 160 -16.68 6.12 -9.04
C LYS A 160 -15.51 6.76 -9.77
N GLY A 161 -15.58 8.07 -10.02
CA GLY A 161 -14.51 8.76 -10.70
C GLY A 161 -13.17 8.65 -9.99
N TRP A 162 -13.19 8.53 -8.65
CA TRP A 162 -11.95 8.36 -7.90
C TRP A 162 -11.46 6.90 -7.95
N ASP A 163 -12.37 5.93 -7.78
CA ASP A 163 -11.95 4.53 -7.85
C ASP A 163 -11.33 4.23 -9.22
N GLU A 164 -11.86 4.83 -10.29
CA GLU A 164 -11.24 4.66 -11.60
C GLU A 164 -10.02 5.54 -11.76
N GLY A 165 -10.14 6.82 -11.40
CA GLY A 165 -9.15 7.80 -11.76
C GLY A 165 -7.82 7.71 -11.03
N VAL A 166 -7.83 7.24 -9.78
CA VAL A 166 -6.57 7.15 -9.05
C VAL A 166 -5.73 5.95 -9.48
N GLN A 167 -6.35 4.91 -10.06
CA GLN A 167 -5.58 3.75 -10.52
C GLN A 167 -4.55 4.16 -11.56
N GLY A 168 -3.34 3.61 -11.45
CA GLY A 168 -2.26 3.96 -12.36
C GLY A 168 -1.40 5.12 -11.89
N MET A 169 -1.87 5.93 -10.95
CA MET A 169 -1.01 6.97 -10.39
C MET A 169 0.20 6.34 -9.73
N LYS A 170 1.33 7.03 -9.76
CA LYS A 170 2.50 6.63 -9.01
C LYS A 170 2.80 7.63 -7.90
N VAL A 171 3.35 7.13 -6.79
CA VAL A 171 3.69 7.98 -5.65
C VAL A 171 4.53 9.16 -6.11
N GLY A 172 4.18 10.36 -5.66
CA GLY A 172 4.74 11.60 -6.16
C GLY A 172 3.98 12.21 -7.33
N GLY A 173 3.00 11.52 -7.89
CA GLY A 173 2.25 12.07 -9.00
C GLY A 173 1.15 13.02 -8.55
N VAL A 174 0.82 13.98 -9.41
CA VAL A 174 -0.36 14.81 -9.24
C VAL A 174 -1.22 14.65 -10.49
N ARG A 175 -2.46 14.22 -10.30
CA ARG A 175 -3.35 13.94 -11.42
C ARG A 175 -4.61 14.77 -11.24
N ARG A 176 -5.04 15.44 -12.29
CA ARG A 176 -6.28 16.20 -12.25
C ARG A 176 -7.37 15.33 -12.86
N LEU A 177 -8.44 15.12 -12.10
CA LEU A 177 -9.61 14.34 -12.52
C LEU A 177 -10.76 15.30 -12.81
N THR A 178 -11.39 15.13 -13.95
CA THR A 178 -12.61 15.83 -14.31
C THR A 178 -13.71 14.79 -14.40
N ILE A 179 -14.62 14.82 -13.44
CA ILE A 179 -15.54 13.73 -13.16
C ILE A 179 -16.95 14.15 -13.58
N PRO A 180 -17.57 13.48 -14.56
CA PRO A 180 -18.96 13.79 -14.89
C PRO A 180 -19.86 13.35 -13.76
N PRO A 181 -21.06 13.92 -13.67
CA PRO A 181 -21.89 13.65 -12.48
C PRO A 181 -22.22 12.18 -12.28
N GLN A 182 -22.37 11.40 -13.36
CA GLN A 182 -22.70 10.00 -13.14
C GLN A 182 -21.55 9.23 -12.50
N LEU A 183 -20.35 9.78 -12.47
CA LEU A 183 -19.24 9.19 -11.74
C LEU A 183 -18.93 9.96 -10.46
N GLY A 184 -19.80 10.89 -10.08
CA GLY A 184 -19.63 11.71 -8.89
C GLY A 184 -20.82 11.53 -7.98
N TYR A 185 -21.58 12.58 -7.74
CA TYR A 185 -22.76 12.52 -6.89
C TYR A 185 -24.05 12.56 -7.69
N GLY A 186 -23.97 12.43 -9.02
CA GLY A 186 -25.14 12.19 -9.86
C GLY A 186 -26.15 13.34 -9.86
N ALA A 187 -27.38 12.98 -10.19
CA ALA A 187 -28.45 13.96 -10.26
C ALA A 187 -28.71 14.59 -8.91
N ARG A 188 -28.44 13.87 -7.83
CA ARG A 188 -28.79 14.33 -6.50
C ARG A 188 -27.83 15.42 -6.01
N GLY A 189 -26.54 15.27 -6.27
CA GLY A 189 -25.58 16.13 -5.61
C GLY A 189 -25.41 15.67 -4.17
N ALA A 190 -24.81 16.54 -3.36
CA ALA A 190 -24.41 16.11 -2.02
C ALA A 190 -24.43 17.27 -1.05
N GLY A 191 -25.19 17.12 0.03
CA GLY A 191 -25.17 18.04 1.16
C GLY A 191 -25.60 19.43 0.76
N GLY A 192 -24.77 20.40 1.11
CA GLY A 192 -25.10 21.80 0.87
C GLY A 192 -24.23 22.34 -0.24
N VAL A 193 -23.08 21.72 -0.48
CA VAL A 193 -22.09 22.32 -1.37
C VAL A 193 -21.96 21.70 -2.77
N ILE A 194 -22.43 20.46 -2.98
CA ILE A 194 -22.34 19.86 -4.31
C ILE A 194 -23.73 19.95 -4.93
N PRO A 195 -23.92 20.72 -5.99
CA PRO A 195 -25.24 20.88 -6.61
C PRO A 195 -25.66 19.61 -7.35
N PRO A 196 -26.94 19.50 -7.71
CA PRO A 196 -27.37 18.39 -8.58
C PRO A 196 -26.61 18.43 -9.90
N ASN A 197 -26.33 17.24 -10.47
CA ASN A 197 -25.85 17.13 -11.85
C ASN A 197 -24.53 17.89 -12.06
N ALA A 198 -23.65 17.82 -11.07
CA ALA A 198 -22.42 18.61 -11.04
C ALA A 198 -21.24 17.81 -11.59
N THR A 199 -20.50 18.41 -12.53
CA THR A 199 -19.19 17.88 -12.87
C THR A 199 -18.17 18.36 -11.85
N LEU A 200 -17.27 17.48 -11.44
CA LEU A 200 -16.32 17.77 -10.37
C LEU A 200 -14.89 17.74 -10.88
N VAL A 201 -14.08 18.68 -10.42
CA VAL A 201 -12.66 18.72 -10.72
C VAL A 201 -11.88 18.48 -9.44
N PHE A 202 -10.98 17.49 -9.46
CA PHE A 202 -10.10 17.22 -8.33
C PHE A 202 -8.65 17.26 -8.78
N GLU A 203 -7.78 17.77 -7.93
CA GLU A 203 -6.35 17.55 -8.09
C GLU A 203 -5.92 16.62 -6.97
N VAL A 204 -5.32 15.49 -7.33
CA VAL A 204 -5.02 14.40 -6.40
C VAL A 204 -3.51 14.16 -6.45
N GLU A 205 -2.86 14.24 -5.30
CA GLU A 205 -1.44 13.92 -5.20
C GLU A 205 -1.30 12.63 -4.40
N LEU A 206 -0.66 11.65 -5.00
CA LEU A 206 -0.49 10.34 -4.38
C LEU A 206 0.73 10.35 -3.47
N LEU A 207 0.49 10.16 -2.18
CA LEU A 207 1.54 10.22 -1.17
C LEU A 207 2.10 8.84 -0.83
N ASP A 208 1.27 7.82 -0.85
CA ASP A 208 1.72 6.51 -0.40
C ASP A 208 0.74 5.46 -0.88
N VAL A 209 1.26 4.26 -1.19
CA VAL A 209 0.41 3.14 -1.58
C VAL A 209 0.80 1.90 -0.77
N GLU B 19 -43.27 -25.55 14.63
CA GLU B 19 -43.16 -26.67 15.55
C GLU B 19 -41.79 -26.68 16.27
N THR B 20 -40.77 -27.21 15.60
CA THR B 20 -39.48 -27.38 16.26
C THR B 20 -38.72 -26.06 16.40
N HIS B 21 -38.85 -25.16 15.43
CA HIS B 21 -38.07 -23.93 15.41
C HIS B 21 -38.97 -22.71 15.55
N ILE B 22 -38.32 -21.56 15.76
CA ILE B 22 -39.02 -20.30 16.00
C ILE B 22 -38.22 -19.16 15.37
N ASN B 23 -38.93 -18.20 14.79
CA ASN B 23 -38.34 -16.99 14.27
C ASN B 23 -38.55 -15.85 15.27
N LEU B 24 -37.47 -15.19 15.64
CA LEU B 24 -37.52 -14.09 16.60
C LEU B 24 -36.90 -12.86 15.95
N LYS B 25 -37.58 -11.74 16.08
CA LYS B 25 -37.06 -10.46 15.62
C LYS B 25 -36.34 -9.78 16.78
N VAL B 26 -35.18 -9.21 16.50
CA VAL B 26 -34.44 -8.44 17.49
C VAL B 26 -34.39 -7.02 16.98
N SER B 27 -34.86 -6.09 17.81
CA SER B 27 -34.95 -4.68 17.45
C SER B 27 -33.94 -3.87 18.26
N ASP B 28 -33.20 -3.00 17.57
CA ASP B 28 -32.21 -2.10 18.17
C ASP B 28 -32.62 -0.65 17.94
N GLY B 29 -33.89 -0.32 18.19
CA GLY B 29 -34.40 1.00 17.92
C GLY B 29 -34.88 1.18 16.49
N SER B 30 -33.98 1.52 15.56
CA SER B 30 -34.39 1.74 14.18
C SER B 30 -33.92 0.62 13.25
N SER B 31 -33.51 -0.52 13.81
CA SER B 31 -33.17 -1.66 12.99
C SER B 31 -33.92 -2.88 13.49
N GLU B 32 -34.02 -3.88 12.61
CA GLU B 32 -34.73 -5.11 12.93
C GLU B 32 -34.07 -6.24 12.15
N ILE B 33 -33.58 -7.27 12.83
CA ILE B 33 -33.09 -8.44 12.12
C ILE B 33 -33.67 -9.69 12.76
N PHE B 34 -33.84 -10.73 11.95
CA PHE B 34 -34.52 -11.95 12.37
C PHE B 34 -33.54 -13.09 12.64
N PHE B 35 -33.91 -13.95 13.60
CA PHE B 35 -33.16 -15.14 13.93
C PHE B 35 -34.09 -16.34 13.94
N LYS B 36 -33.65 -17.43 13.34
CA LYS B 36 -34.34 -18.71 13.43
C LYS B 36 -33.47 -19.66 14.25
N ILE B 37 -34.02 -20.17 15.34
CA ILE B 37 -33.32 -21.11 16.21
C ILE B 37 -34.29 -22.18 16.67
N LYS B 38 -33.74 -23.29 17.14
CA LYS B 38 -34.56 -24.32 17.75
C LYS B 38 -35.07 -23.82 19.08
N LYS B 39 -36.32 -24.19 19.41
CA LYS B 39 -36.94 -23.72 20.64
C LYS B 39 -36.20 -24.17 21.90
N THR B 40 -35.40 -25.23 21.81
CA THR B 40 -34.62 -25.70 22.95
C THR B 40 -33.19 -25.18 22.95
N THR B 41 -32.83 -24.35 21.99
CA THR B 41 -31.49 -23.76 21.94
C THR B 41 -31.41 -22.58 22.91
N PRO B 42 -30.34 -22.49 23.71
CA PRO B 42 -30.20 -21.31 24.59
C PRO B 42 -30.09 -20.04 23.76
N LEU B 43 -30.75 -18.99 24.25
CA LEU B 43 -30.76 -17.74 23.52
C LEU B 43 -29.38 -17.10 23.46
N ARG B 44 -28.41 -17.64 24.20
CA ARG B 44 -27.02 -17.21 24.09
C ARG B 44 -26.56 -17.21 22.65
N ARG B 45 -26.94 -18.24 21.89
CA ARG B 45 -26.55 -18.31 20.49
C ARG B 45 -27.11 -17.14 19.70
N LEU B 46 -28.38 -16.79 19.96
CA LEU B 46 -28.96 -15.61 19.33
C LEU B 46 -28.23 -14.34 19.77
N MET B 47 -28.01 -14.18 21.07
CA MET B 47 -27.36 -12.96 21.56
C MET B 47 -25.95 -12.82 21.00
N GLU B 48 -25.22 -13.93 20.93
CA GLU B 48 -23.88 -13.89 20.36
C GLU B 48 -23.91 -13.54 18.88
N ALA B 49 -24.82 -14.16 18.12
CA ALA B 49 -24.93 -13.84 16.70
C ALA B 49 -25.29 -12.36 16.51
N PHE B 50 -26.18 -11.82 17.35
CA PHE B 50 -26.51 -10.40 17.26
C PHE B 50 -25.30 -9.54 17.63
N ALA B 51 -24.62 -9.91 18.71
CA ALA B 51 -23.48 -9.13 19.17
C ALA B 51 -22.38 -9.10 18.13
N LYS B 52 -22.14 -10.25 17.48
CA LYS B 52 -21.11 -10.35 16.45
C LYS B 52 -21.37 -9.42 15.27
N ARG B 53 -22.64 -9.13 14.94
CA ARG B 53 -22.92 -8.23 13.82
C ARG B 53 -22.52 -6.80 14.12
N GLN B 54 -22.71 -6.35 15.35
CA GLN B 54 -22.40 -4.97 15.70
C GLN B 54 -20.98 -4.81 16.25
N GLY B 55 -20.14 -5.85 16.14
CA GLY B 55 -18.79 -5.80 16.64
C GLY B 55 -18.71 -5.34 18.10
N LYS B 56 -19.72 -5.70 18.90
CA LYS B 56 -19.82 -5.21 20.27
C LYS B 56 -19.70 -6.36 21.25
N GLU B 57 -19.27 -6.01 22.47
CA GLU B 57 -19.10 -7.00 23.53
C GLU B 57 -20.45 -7.39 24.11
N MET B 58 -20.57 -8.66 24.49
CA MET B 58 -21.81 -9.17 25.08
C MET B 58 -22.17 -8.40 26.35
N ASP B 59 -21.17 -8.04 27.15
CA ASP B 59 -21.42 -7.32 28.40
C ASP B 59 -22.12 -5.99 28.15
N SER B 60 -21.87 -5.37 26.99
CA SER B 60 -22.45 -4.08 26.67
C SER B 60 -23.91 -4.15 26.23
N LEU B 61 -24.46 -5.34 26.00
CA LEU B 61 -25.80 -5.47 25.45
C LEU B 61 -26.77 -6.06 26.46
N ARG B 62 -28.03 -5.63 26.36
CA ARG B 62 -29.13 -6.15 27.15
C ARG B 62 -30.24 -6.55 26.21
N PHE B 63 -30.74 -7.77 26.35
CA PHE B 63 -31.83 -8.29 25.55
C PHE B 63 -33.07 -8.44 26.44
N LEU B 64 -34.17 -7.83 26.04
CA LEU B 64 -35.38 -7.79 26.84
C LEU B 64 -36.52 -8.46 26.08
N TYR B 65 -37.29 -9.28 26.80
CA TYR B 65 -38.47 -9.92 26.24
C TYR B 65 -39.61 -9.78 27.25
N ASP B 66 -40.76 -9.28 26.77
CA ASP B 66 -41.88 -8.97 27.64
C ASP B 66 -41.44 -8.08 28.80
N GLY B 67 -40.47 -7.20 28.52
CA GLY B 67 -39.93 -6.31 29.53
C GLY B 67 -38.95 -6.94 30.50
N ILE B 68 -38.72 -8.24 30.41
CA ILE B 68 -37.83 -8.95 31.33
C ILE B 68 -36.52 -9.25 30.62
N ARG B 69 -35.40 -9.07 31.31
CA ARG B 69 -34.09 -9.35 30.74
C ARG B 69 -33.93 -10.84 30.48
N ILE B 70 -33.46 -11.16 29.28
CA ILE B 70 -33.22 -12.55 28.90
C ILE B 70 -31.85 -12.97 29.42
N GLN B 71 -31.80 -14.12 30.06
CA GLN B 71 -30.54 -14.73 30.50
C GLN B 71 -30.08 -15.73 29.44
N ALA B 72 -28.77 -15.75 29.20
CA ALA B 72 -28.24 -16.49 28.05
C ALA B 72 -28.58 -17.97 28.12
N ASP B 73 -28.74 -18.53 29.32
CA ASP B 73 -29.09 -19.92 29.50
C ASP B 73 -30.54 -20.24 29.15
N GLN B 74 -31.41 -19.23 29.15
CA GLN B 74 -32.82 -19.49 28.88
C GLN B 74 -33.06 -19.78 27.40
N THR B 75 -34.04 -20.64 27.15
CA THR B 75 -34.45 -21.04 25.82
C THR B 75 -35.78 -20.40 25.47
N PRO B 76 -36.13 -20.32 24.18
CA PRO B 76 -37.47 -19.83 23.82
C PRO B 76 -38.56 -20.64 24.48
N GLU B 77 -38.38 -21.97 24.55
CA GLU B 77 -39.33 -22.81 25.26
C GLU B 77 -39.45 -22.41 26.72
N ASP B 78 -38.32 -22.14 27.37
CA ASP B 78 -38.34 -21.66 28.75
C ASP B 78 -39.23 -20.43 28.90
N LEU B 79 -39.13 -19.49 27.96
CA LEU B 79 -39.80 -18.21 28.08
C LEU B 79 -41.17 -18.18 27.43
N ASP B 80 -41.70 -19.34 27.01
CA ASP B 80 -43.01 -19.41 26.35
C ASP B 80 -43.08 -18.49 25.13
N MET B 81 -41.97 -18.37 24.40
CA MET B 81 -41.93 -17.49 23.24
C MET B 81 -42.76 -18.06 22.09
N GLU B 82 -43.33 -17.16 21.30
CA GLU B 82 -44.11 -17.50 20.12
C GLU B 82 -43.38 -17.06 18.84
N ASP B 83 -43.80 -17.64 17.72
CA ASP B 83 -43.20 -17.26 16.45
C ASP B 83 -43.37 -15.77 16.20
N ASN B 84 -42.29 -15.15 15.70
CA ASN B 84 -42.23 -13.73 15.36
C ASN B 84 -42.38 -12.81 16.57
N ASP B 85 -42.13 -13.32 17.77
CA ASP B 85 -42.02 -12.45 18.94
C ASP B 85 -40.85 -11.49 18.77
N ILE B 86 -40.86 -10.42 19.54
CA ILE B 86 -39.87 -9.36 19.45
C ILE B 86 -38.99 -9.38 20.69
N ILE B 87 -37.69 -9.33 20.50
CA ILE B 87 -36.72 -9.11 21.56
C ILE B 87 -36.14 -7.72 21.37
N GLU B 88 -36.04 -6.96 22.45
CA GLU B 88 -35.45 -5.62 22.41
C GLU B 88 -33.99 -5.70 22.82
N ALA B 89 -33.13 -5.11 21.98
CA ALA B 89 -31.70 -5.04 22.27
C ALA B 89 -31.33 -3.61 22.65
N HIS B 90 -30.76 -3.44 23.84
CA HIS B 90 -30.36 -2.16 24.39
C HIS B 90 -28.86 -2.14 24.67
N ARG B 91 -28.27 -0.97 24.59
CA ARG B 91 -26.85 -0.79 24.87
C ARG B 91 -26.74 -0.15 26.25
N GLU B 92 -25.89 -0.71 27.10
CA GLU B 92 -25.90 -0.32 28.51
C GLU B 92 -24.55 -0.52 29.17
N GLN B 93 -23.97 0.56 29.70
CA GLN B 93 -22.84 0.43 30.59
C GLN B 93 -23.34 -0.13 31.92
N ILE B 94 -22.43 -0.77 32.66
CA ILE B 94 -22.80 -1.32 33.96
C ILE B 94 -23.18 -0.21 34.93
N GLY B 95 -22.39 0.86 34.97
CA GLY B 95 -22.66 1.99 35.84
C GLY B 95 -23.77 2.90 35.39
N GLY B 96 -24.54 2.51 34.38
CA GLY B 96 -25.61 3.35 33.87
C GLY B 96 -25.14 4.32 32.80
N SER B 97 -25.71 4.19 31.60
CA SER B 97 -25.42 5.10 30.51
C SER B 97 -26.32 6.34 30.55
N THR B 98 -25.81 7.43 29.99
CA THR B 98 -26.50 8.71 29.97
C THR B 98 -26.47 9.24 28.56
N VAL B 99 -27.64 9.46 27.97
CA VAL B 99 -27.74 10.03 26.63
C VAL B 99 -28.18 11.49 26.78
N VAL B 100 -27.35 12.40 26.30
CA VAL B 100 -27.62 13.83 26.40
C VAL B 100 -28.21 14.31 25.08
N THR B 101 -29.31 15.06 25.15
CA THR B 101 -29.86 15.75 23.98
C THR B 101 -29.70 17.26 24.19
N THR B 102 -28.98 17.92 23.29
CA THR B 102 -28.75 19.36 23.39
C THR B 102 -29.85 20.15 22.67
N GLU B 103 -29.77 21.48 22.78
CA GLU B 103 -30.71 22.36 22.12
C GLU B 103 -30.64 22.27 20.60
N SER B 104 -29.52 21.84 20.04
CA SER B 104 -29.43 21.68 18.60
C SER B 104 -30.15 20.42 18.11
N GLY B 105 -30.53 19.53 19.02
CA GLY B 105 -31.07 18.24 18.65
C GLY B 105 -30.02 17.14 18.58
N LEU B 106 -28.74 17.47 18.72
CA LEU B 106 -27.70 16.46 18.81
C LEU B 106 -27.91 15.58 20.04
N LYS B 107 -27.70 14.29 19.86
CA LYS B 107 -27.64 13.35 20.98
CA LYS B 107 -27.64 13.36 20.99
C LYS B 107 -26.23 12.81 21.08
N TYR B 108 -25.75 12.63 22.31
CA TYR B 108 -24.46 11.98 22.47
C TYR B 108 -24.46 11.17 23.76
N GLU B 109 -23.54 10.21 23.80
CA GLU B 109 -23.40 9.30 24.93
C GLU B 109 -21.93 8.93 25.05
N ASP B 110 -21.33 9.17 26.21
CA ASP B 110 -19.93 8.79 26.42
C ASP B 110 -19.87 7.31 26.76
N LEU B 111 -19.35 6.51 25.83
CA LEU B 111 -19.16 5.08 26.07
C LEU B 111 -17.91 4.81 26.88
N THR B 112 -16.86 5.59 26.64
CA THR B 112 -15.61 5.52 27.39
C THR B 112 -15.22 6.96 27.72
N GLU B 113 -14.86 7.20 28.98
CA GLU B 113 -14.61 8.57 29.45
C GLU B 113 -13.26 9.13 29.00
N GLY B 114 -12.20 8.34 29.03
CA GLY B 114 -10.90 8.87 28.69
C GLY B 114 -10.35 9.69 29.84
N SER B 115 -9.10 10.12 29.72
CA SER B 115 -8.45 10.88 30.78
C SER B 115 -7.82 12.18 30.26
N GLY B 116 -7.62 13.10 31.18
CA GLY B 116 -6.94 14.35 30.87
C GLY B 116 -7.86 15.47 30.41
N ALA B 117 -7.24 16.41 29.68
CA ALA B 117 -7.90 17.66 29.29
C ALA B 117 -8.93 17.46 28.19
N GLU B 118 -9.94 18.32 28.22
CA GLU B 118 -11.05 18.27 27.29
C GLU B 118 -10.64 18.83 25.93
N ALA B 119 -11.18 18.25 24.87
CA ALA B 119 -10.98 18.81 23.53
C ALA B 119 -11.71 20.15 23.48
N ARG B 120 -11.03 21.19 23.01
CA ARG B 120 -11.56 22.55 23.00
C ARG B 120 -11.62 23.06 21.57
N ALA B 121 -12.56 23.96 21.31
CA ALA B 121 -12.66 24.62 20.01
C ALA B 121 -11.31 25.23 19.63
N GLY B 122 -10.91 25.04 18.39
CA GLY B 122 -9.66 25.55 17.89
C GLY B 122 -8.52 24.53 17.86
N GLN B 123 -8.60 23.47 18.65
CA GLN B 123 -7.58 22.43 18.63
C GLN B 123 -7.77 21.55 17.41
N THR B 124 -6.66 21.08 16.83
CA THR B 124 -6.74 20.08 15.78
C THR B 124 -6.69 18.71 16.46
N VAL B 125 -7.81 18.02 16.48
CA VAL B 125 -7.94 16.73 17.15
C VAL B 125 -7.81 15.63 16.12
N SER B 126 -7.35 14.47 16.57
CA SER B 126 -7.28 13.27 15.74
C SER B 126 -8.20 12.20 16.32
N VAL B 127 -8.98 11.56 15.45
CA VAL B 127 -9.96 10.57 15.87
C VAL B 127 -9.93 9.36 14.94
N HIS B 128 -10.40 8.24 15.46
CA HIS B 128 -10.93 7.16 14.65
C HIS B 128 -12.44 7.16 14.84
N TYR B 129 -13.16 6.75 13.80
CA TYR B 129 -14.61 6.82 13.87
C TYR B 129 -15.21 5.75 12.98
N THR B 130 -16.48 5.47 13.26
CA THR B 130 -17.34 4.68 12.38
C THR B 130 -18.67 5.41 12.27
N GLY B 131 -19.24 5.41 11.07
CA GLY B 131 -20.53 6.03 10.89
C GLY B 131 -21.52 5.04 10.32
N TRP B 132 -22.72 5.01 10.87
CA TRP B 132 -23.79 4.14 10.41
C TRP B 132 -25.07 4.94 10.19
N LEU B 133 -25.92 4.44 9.30
CA LEU B 133 -27.31 4.86 9.28
C LEU B 133 -28.05 4.26 10.48
N THR B 134 -29.25 4.79 10.74
CA THR B 134 -29.98 4.29 11.91
C THR B 134 -30.47 2.85 11.75
N ASP B 135 -30.44 2.28 10.54
CA ASP B 135 -30.73 0.84 10.40
C ASP B 135 -29.51 -0.04 10.61
N GLY B 136 -28.36 0.52 10.96
CA GLY B 136 -27.18 -0.27 11.21
C GLY B 136 -26.26 -0.46 10.02
N GLN B 137 -26.57 0.11 8.86
CA GLN B 137 -25.69 0.00 7.70
C GLN B 137 -24.54 0.98 7.83
N LYS B 138 -23.32 0.47 7.82
CA LYS B 138 -22.14 1.32 7.92
C LYS B 138 -21.92 2.09 6.61
N PHE B 139 -21.65 3.37 6.71
CA PHE B 139 -21.25 4.10 5.52
C PHE B 139 -19.77 4.50 5.53
N ASP B 140 -19.09 4.44 6.68
CA ASP B 140 -17.66 4.71 6.69
C ASP B 140 -17.02 4.19 7.96
N SER B 141 -15.73 3.91 7.86
CA SER B 141 -14.87 3.53 8.99
C SER B 141 -13.47 4.02 8.66
N SER B 142 -12.93 4.88 9.54
CA SER B 142 -11.55 5.33 9.38
C SER B 142 -10.56 4.17 9.47
N LYS B 143 -10.83 3.20 10.35
CA LYS B 143 -9.95 2.04 10.46
C LYS B 143 -10.00 1.16 9.22
N ASP B 144 -11.15 1.05 8.54
CA ASP B 144 -11.19 0.28 7.29
C ASP B 144 -10.29 0.90 6.24
N ARG B 145 -10.09 2.22 6.32
CA ARG B 145 -9.25 2.94 5.40
C ARG B 145 -7.86 3.22 5.98
N ASN B 146 -7.58 2.71 7.18
CA ASN B 146 -6.28 2.93 7.85
C ASN B 146 -5.94 4.41 7.90
N ASP B 147 -6.92 5.23 8.30
CA ASP B 147 -6.83 6.66 8.07
C ASP B 147 -7.39 7.44 9.25
N PRO B 148 -6.55 7.78 10.22
CA PRO B 148 -7.02 8.64 11.31
C PRO B 148 -7.45 9.99 10.75
N PHE B 149 -8.48 10.56 11.35
CA PHE B 149 -9.10 11.76 10.82
C PHE B 149 -8.81 12.93 11.74
N ALA B 150 -8.31 14.02 11.17
CA ALA B 150 -7.99 15.21 11.95
C ALA B 150 -8.74 16.40 11.38
N PHE B 151 -9.15 17.30 12.27
CA PHE B 151 -9.85 18.51 11.84
C PHE B 151 -9.73 19.56 12.93
N VAL B 152 -9.90 20.82 12.56
CA VAL B 152 -9.92 21.93 13.51
C VAL B 152 -11.31 21.97 14.13
N LEU B 153 -11.38 21.68 15.42
CA LEU B 153 -12.65 21.60 16.10
C LEU B 153 -13.35 22.96 16.10
N GLY B 154 -14.62 22.96 15.72
CA GLY B 154 -15.40 24.17 15.55
C GLY B 154 -15.13 24.96 14.30
N GLY B 155 -14.29 24.46 13.41
CA GLY B 155 -13.90 25.19 12.22
C GLY B 155 -14.80 25.06 11.00
N GLY B 156 -15.94 24.37 11.10
CA GLY B 156 -16.78 24.23 9.93
C GLY B 156 -16.22 23.34 8.84
N MET B 157 -15.23 22.50 9.15
CA MET B 157 -14.66 21.56 8.19
C MET B 157 -15.36 20.21 8.22
N VAL B 158 -16.29 20.02 9.15
CA VAL B 158 -17.05 18.79 9.31
C VAL B 158 -18.51 19.18 9.45
N ILE B 159 -19.40 18.18 9.40
CA ILE B 159 -20.81 18.44 9.62
C ILE B 159 -21.00 19.03 11.02
N LYS B 160 -22.09 19.78 11.18
CA LYS B 160 -22.32 20.54 12.42
C LYS B 160 -22.36 19.62 13.64
N GLY B 161 -22.96 18.44 13.51
CA GLY B 161 -23.03 17.52 14.63
C GLY B 161 -21.67 17.15 15.18
N TRP B 162 -20.65 17.09 14.32
CA TRP B 162 -19.30 16.78 14.78
C TRP B 162 -18.61 17.97 15.43
N ASP B 163 -18.75 19.18 14.86
CA ASP B 163 -18.16 20.36 15.48
C ASP B 163 -18.75 20.58 16.87
N GLU B 164 -20.04 20.29 17.04
CA GLU B 164 -20.63 20.37 18.37
C GLU B 164 -20.26 19.13 19.21
N GLY B 165 -20.36 17.94 18.63
CA GLY B 165 -20.31 16.73 19.44
C GLY B 165 -18.92 16.35 19.98
N VAL B 166 -17.86 16.71 19.27
CA VAL B 166 -16.52 16.30 19.73
C VAL B 166 -16.00 17.19 20.85
N GLN B 167 -16.49 18.43 20.97
CA GLN B 167 -16.05 19.28 22.07
C GLN B 167 -16.43 18.65 23.42
N GLY B 168 -15.49 18.70 24.37
CA GLY B 168 -15.68 18.09 25.66
C GLY B 168 -15.16 16.68 25.78
N MET B 169 -14.93 15.99 24.67
CA MET B 169 -14.29 14.69 24.73
C MET B 169 -12.90 14.80 25.33
N LYS B 170 -12.48 13.74 26.01
CA LYS B 170 -11.14 13.63 26.55
C LYS B 170 -10.37 12.59 25.76
N VAL B 171 -9.05 12.79 25.65
CA VAL B 171 -8.21 11.84 24.94
C VAL B 171 -8.40 10.44 25.53
N GLY B 172 -8.57 9.46 24.67
CA GLY B 172 -8.94 8.14 25.11
C GLY B 172 -10.44 7.92 25.23
N GLY B 173 -11.26 8.96 25.07
CA GLY B 173 -12.68 8.79 25.19
C GLY B 173 -13.29 8.21 23.92
N VAL B 174 -14.40 7.50 24.09
CA VAL B 174 -15.22 7.06 22.98
C VAL B 174 -16.62 7.61 23.19
N ARG B 175 -17.09 8.38 22.22
CA ARG B 175 -18.38 9.04 22.32
C ARG B 175 -19.24 8.63 21.13
N ARG B 176 -20.48 8.28 21.41
CA ARG B 176 -21.45 7.92 20.39
C ARG B 176 -22.33 9.13 20.08
N LEU B 177 -22.31 9.59 18.83
CA LEU B 177 -23.09 10.74 18.38
C LEU B 177 -24.27 10.29 17.55
N THR B 178 -25.46 10.80 17.87
CA THR B 178 -26.66 10.59 17.06
C THR B 178 -27.06 11.95 16.48
N ILE B 179 -26.85 12.13 15.19
CA ILE B 179 -26.85 13.46 14.57
C ILE B 179 -28.10 13.59 13.70
N PRO B 180 -29.03 14.46 14.03
CA PRO B 180 -30.20 14.65 13.17
C PRO B 180 -29.78 15.31 11.87
N PRO B 181 -30.58 15.15 10.80
CA PRO B 181 -30.11 15.54 9.46
C PRO B 181 -29.76 17.00 9.31
N GLN B 182 -30.43 17.89 10.03
CA GLN B 182 -30.07 19.30 9.91
C GLN B 182 -28.70 19.62 10.50
N LEU B 183 -28.10 18.67 11.21
CA LEU B 183 -26.72 18.80 11.68
C LEU B 183 -25.81 17.87 10.91
N GLY B 184 -26.34 17.25 9.85
CA GLY B 184 -25.62 16.29 9.04
C GLY B 184 -25.63 16.72 7.60
N TYR B 185 -26.25 15.93 6.71
CA TYR B 185 -26.28 16.24 5.28
C TYR B 185 -27.65 16.70 4.79
N GLY B 186 -28.59 16.93 5.69
CA GLY B 186 -29.81 17.63 5.32
C GLY B 186 -30.72 16.91 4.32
N ALA B 187 -31.51 17.73 3.63
CA ALA B 187 -32.49 17.22 2.67
C ALA B 187 -31.82 16.54 1.49
N ARG B 188 -30.62 16.99 1.11
CA ARG B 188 -30.01 16.45 -0.09
C ARG B 188 -29.43 15.07 0.16
N GLY B 189 -28.92 14.82 1.37
CA GLY B 189 -28.22 13.57 1.56
C GLY B 189 -26.87 13.64 0.89
N ALA B 190 -26.29 12.47 0.65
CA ALA B 190 -24.96 12.42 0.04
C ALA B 190 -24.93 11.19 -0.85
N GLY B 191 -25.07 11.42 -2.15
CA GLY B 191 -24.94 10.34 -3.12
C GLY B 191 -25.98 9.26 -2.90
N GLY B 192 -25.51 8.03 -2.70
CA GLY B 192 -26.37 6.88 -2.54
C GLY B 192 -26.34 6.30 -1.14
N VAL B 193 -25.24 6.49 -0.41
CA VAL B 193 -25.16 5.80 0.86
C VAL B 193 -25.78 6.60 1.99
N ILE B 194 -25.90 7.91 1.85
CA ILE B 194 -26.59 8.72 2.84
C ILE B 194 -27.86 9.27 2.21
N PRO B 195 -29.03 8.74 2.58
CA PRO B 195 -30.27 9.19 1.98
C PRO B 195 -30.66 10.59 2.46
N PRO B 196 -31.62 11.24 1.80
CA PRO B 196 -32.15 12.51 2.31
C PRO B 196 -32.65 12.38 3.74
N ASN B 197 -32.46 13.44 4.52
CA ASN B 197 -33.04 13.55 5.86
C ASN B 197 -32.58 12.42 6.77
N ALA B 198 -31.32 12.05 6.66
CA ALA B 198 -30.80 10.89 7.36
C ALA B 198 -30.27 11.28 8.72
N THR B 199 -30.71 10.58 9.75
CA THR B 199 -30.03 10.66 11.04
C THR B 199 -28.80 9.78 10.97
N LEU B 200 -27.69 10.28 11.50
CA LEU B 200 -26.40 9.62 11.40
C LEU B 200 -25.92 9.21 12.78
N VAL B 201 -25.38 8.00 12.89
CA VAL B 201 -24.83 7.50 14.15
C VAL B 201 -23.32 7.36 13.95
N PHE B 202 -22.55 8.00 14.81
CA PHE B 202 -21.10 7.86 14.79
C PHE B 202 -20.62 7.39 16.14
N GLU B 203 -19.59 6.56 16.14
CA GLU B 203 -18.79 6.32 17.33
C GLU B 203 -17.41 6.89 17.06
N VAL B 204 -16.94 7.76 17.95
CA VAL B 204 -15.75 8.55 17.74
C VAL B 204 -14.79 8.30 18.88
N GLU B 205 -13.57 7.94 18.56
CA GLU B 205 -12.53 7.76 19.57
C GLU B 205 -11.51 8.88 19.40
N LEU B 206 -11.26 9.64 20.48
CA LEU B 206 -10.29 10.73 20.45
C LEU B 206 -8.93 10.11 20.72
N LEU B 207 -8.02 10.24 19.78
CA LEU B 207 -6.74 9.53 19.83
C LEU B 207 -5.70 10.29 20.62
N ASP B 208 -4.78 9.54 21.21
CA ASP B 208 -3.68 10.08 21.99
C ASP B 208 -2.45 10.10 21.10
N VAL B 209 -2.00 11.29 20.71
CA VAL B 209 -0.81 11.39 19.88
C VAL B 209 0.22 12.36 20.44
N GLU C 19 -8.52 -50.00 10.74
CA GLU C 19 -8.64 -50.31 12.15
C GLU C 19 -7.27 -50.46 12.81
N THR C 20 -6.32 -51.04 12.07
CA THR C 20 -5.00 -51.34 12.63
C THR C 20 -4.11 -50.10 12.72
N HIS C 21 -4.26 -49.17 11.79
CA HIS C 21 -3.36 -48.03 11.70
C HIS C 21 -4.09 -46.74 12.04
N ILE C 22 -3.32 -45.68 12.22
CA ILE C 22 -3.83 -44.39 12.64
C ILE C 22 -3.05 -43.31 11.92
N ASN C 23 -3.74 -42.24 11.55
CA ASN C 23 -3.13 -41.09 10.92
C ASN C 23 -2.99 -39.98 11.94
N LEU C 24 -1.77 -39.47 12.08
CA LEU C 24 -1.47 -38.42 13.05
C LEU C 24 -0.88 -37.22 12.33
N LYS C 25 -1.35 -36.04 12.69
CA LYS C 25 -0.79 -34.80 12.17
C LYS C 25 0.28 -34.33 13.13
N VAL C 26 1.43 -33.92 12.60
CA VAL C 26 2.49 -33.33 13.41
C VAL C 26 2.73 -31.90 12.94
N SER C 27 2.58 -30.95 13.85
CA SER C 27 2.79 -29.54 13.56
C SER C 27 3.99 -29.04 14.36
N ASP C 28 4.83 -28.23 13.73
CA ASP C 28 5.94 -27.59 14.44
C ASP C 28 5.75 -26.07 14.52
N GLY C 29 4.51 -25.61 14.41
CA GLY C 29 4.23 -24.19 14.37
C GLY C 29 4.37 -23.53 13.01
N SER C 30 5.09 -24.15 12.06
CA SER C 30 5.27 -23.55 10.74
C SER C 30 4.60 -24.31 9.61
N SER C 31 4.49 -25.62 9.72
CA SER C 31 3.79 -26.44 8.73
C SER C 31 3.33 -27.70 9.43
N GLU C 32 2.58 -28.54 8.70
CA GLU C 32 1.96 -29.74 9.24
C GLU C 32 2.12 -30.87 8.23
N ILE C 33 2.59 -32.01 8.70
CA ILE C 33 2.70 -33.23 7.89
C ILE C 33 2.04 -34.36 8.66
N PHE C 34 1.61 -35.39 7.91
CA PHE C 34 0.86 -36.51 8.44
C PHE C 34 1.71 -37.78 8.48
N PHE C 35 1.45 -38.63 9.46
CA PHE C 35 2.10 -39.94 9.56
C PHE C 35 1.04 -41.01 9.75
N LYS C 36 1.20 -42.10 9.01
CA LYS C 36 0.36 -43.27 9.22
C LYS C 36 1.24 -44.38 9.79
N ILE C 37 0.87 -44.85 10.99
CA ILE C 37 1.59 -45.93 11.68
C ILE C 37 0.56 -46.83 12.32
N LYS C 38 1.01 -48.03 12.68
CA LYS C 38 0.15 -48.97 13.41
C LYS C 38 -0.09 -48.48 14.83
N LYS C 39 -1.32 -48.70 15.31
CA LYS C 39 -1.68 -48.22 16.65
C LYS C 39 -0.81 -48.84 17.73
N THR C 40 -0.20 -50.00 17.44
CA THR C 40 0.68 -50.69 18.38
C THR C 40 2.16 -50.39 18.12
N THR C 41 2.46 -49.59 17.13
CA THR C 41 3.87 -49.25 16.91
C THR C 41 4.31 -48.13 17.84
N PRO C 42 5.49 -48.26 18.47
CA PRO C 42 6.00 -47.17 19.30
C PRO C 42 6.23 -45.89 18.50
N LEU C 43 5.91 -44.76 19.12
CA LEU C 43 6.00 -43.46 18.46
C LEU C 43 7.43 -43.04 18.12
N ARG C 44 8.44 -43.74 18.63
CA ARG C 44 9.82 -43.41 18.27
C ARG C 44 10.01 -43.33 16.75
N ARG C 45 9.45 -44.29 16.01
CA ARG C 45 9.61 -44.28 14.56
C ARG C 45 9.04 -43.00 13.95
N LEU C 46 7.85 -42.60 14.42
CA LEU C 46 7.28 -41.35 13.95
C LEU C 46 8.16 -40.17 14.33
N MET C 47 8.59 -40.12 15.60
CA MET C 47 9.46 -39.04 16.06
C MET C 47 10.78 -39.03 15.29
N GLU C 48 11.34 -40.21 15.03
CA GLU C 48 12.58 -40.30 14.26
C GLU C 48 12.35 -39.84 12.82
N ALA C 49 11.27 -40.32 12.20
CA ALA C 49 10.98 -39.92 10.82
C ALA C 49 10.79 -38.42 10.72
N PHE C 50 10.14 -37.81 11.72
CA PHE C 50 9.96 -36.37 11.70
C PHE C 50 11.30 -35.67 11.88
N ALA C 51 12.10 -36.11 12.85
CA ALA C 51 13.37 -35.45 13.14
C ALA C 51 14.35 -35.56 11.97
N LYS C 52 14.49 -36.78 11.42
CA LYS C 52 15.40 -37.00 10.29
C LYS C 52 14.96 -36.20 9.07
N ARG C 53 13.66 -35.95 8.93
CA ARG C 53 13.16 -35.19 7.79
C ARG C 53 13.62 -33.73 7.84
N GLN C 54 13.64 -33.14 9.03
CA GLN C 54 14.03 -31.75 9.21
C GLN C 54 15.52 -31.60 9.55
N GLY C 55 16.31 -32.65 9.35
CA GLY C 55 17.73 -32.63 9.67
C GLY C 55 18.06 -32.29 11.11
N LYS C 56 17.23 -32.72 12.05
CA LYS C 56 17.40 -32.38 13.46
C LYS C 56 17.63 -33.64 14.29
N GLU C 57 18.29 -33.46 15.44
CA GLU C 57 18.54 -34.56 16.36
C GLU C 57 17.28 -34.86 17.17
N MET C 58 17.08 -36.15 17.46
CA MET C 58 15.92 -36.56 18.26
C MET C 58 15.94 -35.92 19.64
N ASP C 59 17.12 -35.81 20.26
CA ASP C 59 17.22 -35.20 21.59
C ASP C 59 16.79 -33.73 21.56
N SER C 60 17.00 -33.05 20.44
CA SER C 60 16.69 -31.63 20.35
C SER C 60 15.19 -31.34 20.23
N LEU C 61 14.35 -32.35 20.06
CA LEU C 61 12.93 -32.15 19.87
C LEU C 61 12.14 -32.63 21.07
N ARG C 62 11.00 -31.98 21.30
CA ARG C 62 10.04 -32.41 22.30
C ARG C 62 8.71 -32.53 21.59
N PHE C 63 8.07 -33.69 21.70
CA PHE C 63 6.79 -33.95 21.07
C PHE C 63 5.71 -33.98 22.15
N LEU C 64 4.69 -33.17 21.98
CA LEU C 64 3.62 -33.05 22.97
C LEU C 64 2.30 -33.50 22.38
N TYR C 65 1.54 -34.24 23.18
CA TYR C 65 0.21 -34.71 22.82
C TYR C 65 -0.72 -34.47 24.00
N ASP C 66 -1.87 -33.86 23.73
CA ASP C 66 -2.81 -33.45 24.77
C ASP C 66 -2.08 -32.64 25.85
N GLY C 67 -1.07 -31.89 25.42
CA GLY C 67 -0.23 -31.08 26.28
C GLY C 67 0.84 -31.81 27.04
N ILE C 68 0.90 -33.14 26.96
CA ILE C 68 1.88 -33.93 27.70
C ILE C 68 2.94 -34.44 26.75
N ARG C 69 4.19 -34.38 27.18
CA ARG C 69 5.29 -34.82 26.34
C ARG C 69 5.19 -36.33 26.09
N ILE C 70 5.35 -36.72 24.83
CA ILE C 70 5.32 -38.12 24.43
C ILE C 70 6.68 -38.75 24.67
N GLN C 71 6.68 -39.93 25.27
CA GLN C 71 7.90 -40.73 25.39
C GLN C 71 7.93 -41.74 24.25
N ALA C 72 9.13 -41.97 23.70
CA ALA C 72 9.29 -42.75 22.47
C ALA C 72 8.78 -44.18 22.61
N ASP C 73 8.82 -44.75 23.81
CA ASP C 73 8.35 -46.12 24.02
C ASP C 73 6.83 -46.21 23.91
N GLN C 74 6.11 -45.10 24.10
CA GLN C 74 4.65 -45.10 24.08
C GLN C 74 4.11 -45.28 22.66
N THR C 75 2.95 -45.95 22.58
CA THR C 75 2.26 -46.19 21.33
C THR C 75 0.99 -45.35 21.24
N PRO C 76 0.43 -45.19 20.05
CA PRO C 76 -0.88 -44.53 19.96
C PRO C 76 -1.95 -45.21 20.81
N GLU C 77 -1.93 -46.55 20.87
CA GLU C 77 -2.88 -47.26 21.74
C GLU C 77 -2.68 -46.85 23.19
N ASP C 78 -1.42 -46.81 23.64
CA ASP C 78 -1.12 -46.38 25.01
C ASP C 78 -1.72 -45.02 25.32
N LEU C 79 -1.58 -44.08 24.38
CA LEU C 79 -2.02 -42.71 24.61
C LEU C 79 -3.45 -42.49 24.18
N ASP C 80 -4.16 -43.56 23.81
CA ASP C 80 -5.56 -43.50 23.35
C ASP C 80 -5.73 -42.39 22.31
N MET C 81 -4.92 -42.47 21.26
CA MET C 81 -4.96 -41.49 20.19
C MET C 81 -6.09 -41.81 19.21
N GLU C 82 -6.67 -40.77 18.63
CA GLU C 82 -7.70 -40.93 17.63
C GLU C 82 -7.15 -40.51 16.27
N ASP C 83 -7.84 -40.94 15.22
CA ASP C 83 -7.42 -40.58 13.87
C ASP C 83 -7.40 -39.07 13.70
N ASN C 84 -6.36 -38.58 13.02
CA ASN C 84 -6.15 -37.14 12.76
C ASN C 84 -5.90 -36.33 14.02
N ASP C 85 -5.54 -36.98 15.13
CA ASP C 85 -5.06 -36.22 16.29
C ASP C 85 -3.77 -35.49 15.94
N ILE C 86 -3.47 -34.46 16.74
CA ILE C 86 -2.37 -33.54 16.47
C ILE C 86 -1.28 -33.73 17.52
N ILE C 87 -0.05 -33.86 17.05
CA ILE C 87 1.15 -33.87 17.90
C ILE C 87 1.91 -32.58 17.60
N GLU C 88 2.35 -31.88 18.65
CA GLU C 88 3.17 -30.68 18.50
C GLU C 88 4.64 -31.02 18.70
N ALA C 89 5.47 -30.62 17.74
CA ALA C 89 6.91 -30.78 17.87
C ALA C 89 7.52 -29.42 18.17
N HIS C 90 8.23 -29.32 19.29
CA HIS C 90 8.81 -28.07 19.76
C HIS C 90 10.33 -28.15 19.75
N ARG C 91 10.95 -27.03 19.40
CA ARG C 91 12.40 -26.91 19.31
C ARG C 91 13.01 -26.03 20.39
N GLU C 92 12.20 -25.28 21.14
CA GLU C 92 12.70 -24.27 22.07
C GLU C 92 13.10 -24.91 23.41
N GLN C 93 13.47 -24.05 24.35
CA GLN C 93 13.79 -24.47 25.72
C GLN C 93 12.58 -24.95 26.52
N GLY C 96 9.86 -23.17 28.20
CA GLY C 96 8.84 -22.17 27.97
C GLY C 96 9.06 -21.32 26.72
N SER C 97 8.12 -21.37 25.78
CA SER C 97 8.20 -20.53 24.59
C SER C 97 7.63 -19.14 24.85
N THR C 98 8.16 -18.15 24.15
CA THR C 98 7.77 -16.76 24.32
C THR C 98 7.56 -16.14 22.95
N VAL C 99 6.36 -15.67 22.66
CA VAL C 99 6.09 -15.01 21.39
C VAL C 99 5.94 -13.52 21.68
N VAL C 100 6.79 -12.71 21.06
CA VAL C 100 6.78 -11.26 21.26
C VAL C 100 5.97 -10.62 20.14
N THR C 101 5.07 -9.71 20.48
CA THR C 101 4.38 -8.87 19.51
C THR C 101 4.86 -7.44 19.72
N THR C 102 5.46 -6.85 18.70
CA THR C 102 6.05 -5.53 18.85
C THR C 102 5.00 -4.45 18.60
N GLU C 103 5.41 -3.18 18.76
CA GLU C 103 4.49 -2.06 18.58
C GLU C 103 3.92 -2.03 17.16
N SER C 104 4.65 -2.55 16.17
CA SER C 104 4.19 -2.60 14.79
C SER C 104 3.21 -3.74 14.51
N GLY C 105 3.03 -4.68 15.44
CA GLY C 105 2.24 -5.86 15.13
C GLY C 105 3.07 -7.04 14.64
N LEU C 106 4.36 -6.85 14.41
CA LEU C 106 5.23 -7.97 14.12
C LEU C 106 5.22 -8.94 15.29
N LYS C 107 5.22 -10.24 14.99
CA LYS C 107 5.42 -11.25 16.02
C LYS C 107 6.74 -11.98 15.74
N TYR C 108 7.48 -12.27 16.80
CA TYR C 108 8.68 -13.11 16.63
C TYR C 108 8.84 -14.00 17.84
N GLU C 109 9.59 -15.08 17.63
CA GLU C 109 9.84 -16.08 18.66
C GLU C 109 11.25 -16.60 18.42
N ASP C 110 12.10 -16.53 19.43
CA ASP C 110 13.44 -17.08 19.29
C ASP C 110 13.35 -18.59 19.52
N LEU C 111 13.48 -19.36 18.45
CA LEU C 111 13.51 -20.81 18.59
C LEU C 111 14.87 -21.27 19.12
N THR C 112 15.93 -20.61 18.68
CA THR C 112 17.28 -20.82 19.22
C THR C 112 17.91 -19.46 19.40
N GLU C 113 18.41 -19.18 20.61
CA GLU C 113 19.07 -17.92 20.89
C GLU C 113 20.52 -18.07 20.48
N GLY C 114 21.00 -17.21 19.57
CA GLY C 114 22.39 -17.35 19.16
C GLY C 114 23.32 -16.85 20.25
N SER C 115 24.62 -17.14 20.09
CA SER C 115 25.59 -16.68 21.07
C SER C 115 26.73 -15.86 20.47
N GLY C 116 26.76 -15.71 19.15
CA GLY C 116 27.73 -14.89 18.46
C GLY C 116 27.29 -13.44 18.35
N ALA C 117 27.79 -12.76 17.32
CA ALA C 117 27.62 -11.31 17.23
C ALA C 117 26.17 -10.93 16.95
N GLU C 118 25.78 -9.77 17.48
CA GLU C 118 24.42 -9.27 17.32
C GLU C 118 24.26 -8.51 16.02
N ALA C 119 23.15 -8.77 15.32
CA ALA C 119 22.79 -8.00 14.13
C ALA C 119 22.04 -6.72 14.49
N ARG C 120 22.51 -5.58 13.99
CA ARG C 120 21.88 -4.27 14.19
C ARG C 120 21.75 -3.55 12.86
N ALA C 121 20.82 -2.58 12.82
CA ALA C 121 20.59 -1.79 11.61
C ALA C 121 21.90 -1.24 11.05
N GLY C 122 22.08 -1.36 9.73
CA GLY C 122 23.28 -0.91 9.05
C GLY C 122 24.27 -2.01 8.71
N GLN C 123 24.26 -3.12 9.46
CA GLN C 123 25.11 -4.26 9.15
C GLN C 123 24.53 -5.12 8.03
N THR C 124 25.44 -5.71 7.25
CA THR C 124 25.09 -6.73 6.25
C THR C 124 25.09 -8.10 6.92
N VAL C 125 23.92 -8.69 7.05
CA VAL C 125 23.76 -9.96 7.72
C VAL C 125 23.55 -11.05 6.67
N SER C 126 24.03 -12.26 6.96
CA SER C 126 23.85 -13.42 6.08
C SER C 126 23.01 -14.45 6.81
N VAL C 127 21.98 -14.97 6.14
CA VAL C 127 21.01 -15.84 6.77
C VAL C 127 20.63 -16.99 5.84
N HIS C 128 20.10 -18.04 6.45
CA HIS C 128 19.23 -18.97 5.74
C HIS C 128 17.80 -18.76 6.22
N TYR C 129 16.84 -19.00 5.33
CA TYR C 129 15.45 -18.80 5.70
C TYR C 129 14.57 -19.77 4.93
N THR C 130 13.40 -20.00 5.48
CA THR C 130 12.28 -20.62 4.81
C THR C 130 11.07 -19.75 5.11
N GLY C 131 10.23 -19.55 4.11
CA GLY C 131 9.00 -18.78 4.25
C GLY C 131 7.81 -19.63 3.87
N TRP C 132 6.76 -19.57 4.69
CA TRP C 132 5.50 -20.26 4.45
C TRP C 132 4.34 -19.29 4.57
N LEU C 133 3.25 -19.58 3.86
CA LEU C 133 1.99 -18.95 4.21
C LEU C 133 1.48 -19.54 5.52
N THR C 134 0.51 -18.85 6.12
CA THR C 134 -0.02 -19.31 7.41
C THR C 134 -0.81 -20.60 7.29
N ASP C 135 -1.14 -21.06 6.09
CA ASP C 135 -1.76 -22.38 5.96
C ASP C 135 -0.73 -23.50 5.86
N GLY C 136 0.56 -23.18 5.97
CA GLY C 136 1.61 -24.18 5.92
C GLY C 136 2.23 -24.43 4.56
N GLN C 137 1.82 -23.70 3.53
CA GLN C 137 2.42 -23.86 2.20
C GLN C 137 3.72 -23.08 2.13
N LYS C 138 4.81 -23.77 1.83
CA LYS C 138 6.10 -23.13 1.68
C LYS C 138 6.11 -22.33 0.39
N PHE C 139 6.60 -21.07 0.44
CA PHE C 139 6.75 -20.34 -0.81
C PHE C 139 8.20 -20.07 -1.21
N ASP C 140 9.16 -20.12 -0.28
CA ASP C 140 10.55 -19.97 -0.69
C ASP C 140 11.48 -20.42 0.42
N SER C 141 12.69 -20.84 0.04
CA SER C 141 13.72 -21.14 1.02
C SER C 141 15.10 -20.99 0.39
N SER C 142 15.95 -20.20 1.04
CA SER C 142 17.35 -20.11 0.61
C SER C 142 18.05 -21.47 0.70
N LYS C 143 17.61 -22.32 1.62
CA LYS C 143 18.21 -23.65 1.73
C LYS C 143 17.97 -24.49 0.48
N ASP C 144 16.82 -24.31 -0.19
CA ASP C 144 16.55 -25.04 -1.42
C ASP C 144 17.55 -24.70 -2.52
N ARG C 145 18.02 -23.47 -2.56
CA ARG C 145 19.02 -23.04 -3.53
CA ARG C 145 19.02 -23.06 -3.54
C ARG C 145 20.44 -23.34 -3.05
N ASN C 146 20.60 -23.89 -1.85
CA ASN C 146 21.93 -24.15 -1.29
C ASN C 146 22.78 -22.88 -1.27
N ASP C 147 22.14 -21.77 -0.87
CA ASP C 147 22.77 -20.45 -1.02
C ASP C 147 22.27 -19.44 0.00
N PRO C 148 23.10 -19.08 0.99
CA PRO C 148 22.70 -18.06 1.96
C PRO C 148 22.34 -16.73 1.32
N PHE C 149 21.45 -16.01 2.01
CA PHE C 149 20.93 -14.73 1.57
C PHE C 149 21.46 -13.65 2.50
N ALA C 150 21.95 -12.56 1.94
CA ALA C 150 22.47 -11.45 2.74
C ALA C 150 21.77 -10.15 2.36
N PHE C 151 21.63 -9.27 3.35
CA PHE C 151 21.04 -7.96 3.10
C PHE C 151 21.52 -6.98 4.16
N VAL C 152 21.43 -5.69 3.83
CA VAL C 152 21.74 -4.63 4.78
C VAL C 152 20.52 -4.42 5.68
N LEU C 153 20.71 -4.73 6.95
CA LEU C 153 19.64 -4.60 7.94
C LEU C 153 19.25 -3.14 8.10
N GLY C 154 17.95 -2.88 8.08
CA GLY C 154 17.51 -1.50 8.10
C GLY C 154 17.70 -0.77 6.79
N GLY C 155 18.07 -1.48 5.72
CA GLY C 155 18.36 -0.83 4.44
C GLY C 155 17.19 -0.68 3.48
N GLY C 156 15.99 -1.13 3.86
CA GLY C 156 14.87 -1.00 2.95
C GLY C 156 14.92 -1.90 1.73
N MET C 157 15.74 -2.96 1.76
CA MET C 157 15.86 -3.94 0.67
C MET C 157 14.99 -5.17 0.86
N VAL C 158 14.36 -5.34 2.03
CA VAL C 158 13.51 -6.48 2.31
C VAL C 158 12.21 -5.94 2.86
N ILE C 159 11.22 -6.81 2.96
CA ILE C 159 9.95 -6.40 3.55
C ILE C 159 10.20 -5.90 4.97
N LYS C 160 9.30 -5.02 5.44
CA LYS C 160 9.49 -4.33 6.70
C LYS C 160 9.61 -5.29 7.87
N GLY C 161 8.82 -6.39 7.85
CA GLY C 161 8.90 -7.37 8.91
C GLY C 161 10.29 -7.95 9.09
N TRP C 162 11.07 -8.04 8.00
CA TRP C 162 12.44 -8.54 8.11
C TRP C 162 13.40 -7.47 8.65
N ASP C 163 13.30 -6.23 8.13
CA ASP C 163 14.18 -5.16 8.63
C ASP C 163 14.01 -4.96 10.13
N GLU C 164 12.77 -5.08 10.64
CA GLU C 164 12.51 -5.01 12.07
C GLU C 164 12.86 -6.32 12.76
N GLY C 165 12.44 -7.45 12.19
CA GLY C 165 12.49 -8.73 12.90
C GLY C 165 13.87 -9.33 13.08
N VAL C 166 14.78 -9.08 12.13
CA VAL C 166 16.12 -9.68 12.23
C VAL C 166 16.99 -8.94 13.24
N GLN C 167 16.70 -7.67 13.55
CA GLN C 167 17.51 -6.93 14.51
C GLN C 167 17.47 -7.58 15.89
N GLY C 168 18.63 -7.66 16.53
CA GLY C 168 18.75 -8.28 17.83
C GLY C 168 19.07 -9.76 17.78
N MET C 169 18.87 -10.40 16.63
CA MET C 169 19.32 -11.77 16.49
C MET C 169 20.83 -11.84 16.69
N LYS C 170 21.29 -12.96 17.24
CA LYS C 170 22.71 -13.24 17.34
C LYS C 170 23.08 -14.44 16.47
N VAL C 171 24.32 -14.41 15.95
CA VAL C 171 24.82 -15.48 15.11
C VAL C 171 24.63 -16.82 15.81
N GLY C 172 24.12 -17.81 15.07
CA GLY C 172 23.69 -19.06 15.64
C GLY C 172 22.22 -19.09 16.05
N GLY C 173 21.54 -17.95 16.06
CA GLY C 173 20.14 -17.93 16.45
C GLY C 173 19.20 -18.34 15.33
N VAL C 174 18.05 -18.91 15.71
CA VAL C 174 16.95 -19.16 14.79
C VAL C 174 15.70 -18.47 15.34
N ARG C 175 15.12 -17.57 14.55
CA ARG C 175 13.98 -16.76 14.99
C ARG C 175 12.84 -16.97 14.00
N ARG C 176 11.64 -17.22 14.52
CA ARG C 176 10.46 -17.35 13.67
C ARG C 176 9.73 -16.01 13.67
N LEU C 177 9.55 -15.45 12.48
CA LEU C 177 8.83 -14.19 12.29
C LEU C 177 7.43 -14.48 11.74
N THR C 178 6.43 -13.88 12.35
CA THR C 178 5.06 -13.91 11.84
C THR C 178 4.71 -12.48 11.45
N ILE C 179 4.61 -12.24 10.15
CA ILE C 179 4.61 -10.89 9.57
C ILE C 179 3.20 -10.60 9.07
N PRO C 180 2.50 -9.63 9.64
CA PRO C 180 1.18 -9.26 9.11
C PRO C 180 1.36 -8.63 7.75
N PRO C 181 0.32 -8.59 6.92
CA PRO C 181 0.53 -8.16 5.53
C PRO C 181 1.10 -6.76 5.39
N GLN C 182 0.74 -5.82 6.28
CA GLN C 182 1.28 -4.47 6.10
C GLN C 182 2.79 -4.40 6.39
N LEU C 183 3.38 -5.45 6.95
CA LEU C 183 4.84 -5.53 7.08
C LEU C 183 5.42 -6.51 6.07
N GLY C 184 4.59 -6.99 5.14
CA GLY C 184 5.01 -7.96 4.15
C GLY C 184 4.78 -7.39 2.77
N TYR C 185 3.92 -8.03 1.98
CA TYR C 185 3.60 -7.59 0.64
C TYR C 185 2.22 -6.96 0.56
N GLY C 186 1.59 -6.70 1.71
CA GLY C 186 0.40 -5.84 1.78
C GLY C 186 -0.81 -6.41 1.05
N ALA C 187 -1.69 -5.50 0.66
CA ALA C 187 -2.92 -5.88 -0.03
C ALA C 187 -2.61 -6.53 -1.37
N ARG C 188 -1.49 -6.16 -2.00
CA ARG C 188 -1.20 -6.62 -3.34
C ARG C 188 -0.71 -8.07 -3.36
N GLY C 189 0.10 -8.46 -2.40
CA GLY C 189 0.78 -9.74 -2.53
C GLY C 189 1.92 -9.64 -3.54
N ALA C 190 2.39 -10.80 -4.01
CA ALA C 190 3.60 -10.79 -4.81
C ALA C 190 3.62 -11.94 -5.80
N GLY C 191 3.72 -11.59 -7.07
CA GLY C 191 3.96 -12.57 -8.11
C GLY C 191 2.83 -13.57 -8.21
N GLY C 192 3.19 -14.85 -8.15
CA GLY C 192 2.22 -15.90 -8.33
C GLY C 192 1.95 -16.61 -7.03
N VAL C 193 2.90 -16.56 -6.09
CA VAL C 193 2.80 -17.39 -4.89
C VAL C 193 2.38 -16.67 -3.61
N ILE C 194 2.51 -15.34 -3.53
CA ILE C 194 2.11 -14.64 -2.32
C ILE C 194 0.74 -14.03 -2.59
N PRO C 195 -0.32 -14.49 -1.93
CA PRO C 195 -1.67 -13.96 -2.19
C PRO C 195 -1.82 -12.55 -1.65
N PRO C 196 -2.88 -11.84 -2.06
CA PRO C 196 -3.19 -10.55 -1.43
C PRO C 196 -3.40 -10.71 0.06
N ASN C 197 -2.97 -9.70 0.84
CA ASN C 197 -3.34 -9.61 2.27
C ASN C 197 -2.89 -10.85 3.05
N ALA C 198 -1.69 -11.33 2.75
CA ALA C 198 -1.17 -12.57 3.30
C ALA C 198 -0.31 -12.32 4.53
N THR C 199 -0.60 -13.03 5.62
CA THR C 199 0.35 -13.08 6.72
C THR C 199 1.43 -14.10 6.39
N LEU C 200 2.69 -13.77 6.68
CA LEU C 200 3.84 -14.60 6.31
C LEU C 200 4.56 -15.11 7.54
N VAL C 201 4.98 -16.38 7.49
CA VAL C 201 5.79 -17.00 8.53
C VAL C 201 7.16 -17.31 7.94
N PHE C 202 8.21 -16.82 8.59
CA PHE C 202 9.58 -17.13 8.20
C PHE C 202 10.33 -17.72 9.39
N GLU C 203 11.19 -18.67 9.11
CA GLU C 203 12.21 -19.08 10.08
C GLU C 203 13.54 -18.61 9.53
N VAL C 204 14.25 -17.84 10.32
CA VAL C 204 15.47 -17.16 9.91
C VAL C 204 16.59 -17.61 10.83
N GLU C 205 17.67 -18.14 10.25
CA GLU C 205 18.86 -18.52 11.01
C GLU C 205 19.99 -17.57 10.63
N LEU C 206 20.54 -16.87 11.62
CA LEU C 206 21.57 -15.88 11.36
C LEU C 206 22.94 -16.55 11.29
N LEU C 207 23.59 -16.46 10.13
CA LEU C 207 24.85 -17.12 9.88
C LEU C 207 26.04 -16.20 10.13
N ASP C 208 25.89 -14.91 9.87
CA ASP C 208 27.03 -14.03 10.00
C ASP C 208 26.52 -12.60 9.98
N VAL C 209 27.27 -11.70 10.62
CA VAL C 209 26.97 -10.26 10.58
C VAL C 209 28.24 -9.48 10.25
N GLU D 19 18.02 31.91 -22.71
CA GLU D 19 19.07 32.78 -23.23
C GLU D 19 20.45 32.13 -23.08
N THR D 20 21.06 32.24 -21.90
CA THR D 20 22.43 31.74 -21.70
C THR D 20 22.48 30.22 -21.58
N HIS D 21 21.45 29.60 -21.00
CA HIS D 21 21.46 28.17 -20.74
C HIS D 21 20.38 27.45 -21.55
N ILE D 22 20.46 26.12 -21.55
CA ILE D 22 19.56 25.29 -22.34
C ILE D 22 19.25 24.01 -21.55
N ASN D 23 18.01 23.57 -21.63
CA ASN D 23 17.57 22.31 -21.05
C ASN D 23 17.50 21.25 -22.15
N LEU D 24 18.17 20.13 -21.94
CA LEU D 24 18.19 19.05 -22.90
C LEU D 24 17.73 17.78 -22.21
N LYS D 25 16.84 17.06 -22.88
CA LYS D 25 16.38 15.76 -22.41
C LYS D 25 17.23 14.69 -23.05
N VAL D 26 17.64 13.70 -22.27
CA VAL D 26 18.35 12.54 -22.76
C VAL D 26 17.45 11.35 -22.50
N SER D 27 17.12 10.60 -23.55
CA SER D 27 16.23 9.45 -23.44
C SER D 27 17.00 8.18 -23.70
N ASP D 28 16.82 7.19 -22.83
CA ASP D 28 17.43 5.88 -22.97
C ASP D 28 16.35 4.81 -23.07
N GLY D 29 15.59 4.85 -24.17
CA GLY D 29 14.53 3.87 -24.33
C GLY D 29 13.28 4.25 -23.56
N SER D 30 13.23 3.88 -22.28
CA SER D 30 12.07 4.17 -21.45
C SER D 30 12.33 5.23 -20.40
N SER D 31 13.59 5.52 -20.07
CA SER D 31 13.86 6.59 -19.12
C SER D 31 14.10 7.92 -19.84
N GLU D 32 13.96 8.99 -19.07
CA GLU D 32 14.17 10.35 -19.58
C GLU D 32 14.69 11.20 -18.44
N ILE D 33 15.86 11.82 -18.62
CA ILE D 33 16.37 12.75 -17.63
C ILE D 33 16.84 14.03 -18.31
N PHE D 34 16.76 15.13 -17.58
CA PHE D 34 17.06 16.45 -18.11
C PHE D 34 18.38 16.99 -17.59
N PHE D 35 19.03 17.77 -18.45
CA PHE D 35 20.27 18.46 -18.11
C PHE D 35 20.11 19.93 -18.50
N LYS D 36 20.57 20.81 -17.61
CA LYS D 36 20.69 22.23 -17.90
C LYS D 36 22.16 22.55 -17.94
N ILE D 37 22.62 23.10 -19.07
CA ILE D 37 24.02 23.47 -19.25
C ILE D 37 24.09 24.78 -20.03
N LYS D 38 25.24 25.43 -19.94
CA LYS D 38 25.44 26.63 -20.73
C LYS D 38 25.57 26.24 -22.19
N LYS D 39 25.07 27.10 -23.07
CA LYS D 39 25.10 26.79 -24.50
C LYS D 39 26.51 26.65 -25.03
N THR D 40 27.51 27.23 -24.35
CA THR D 40 28.90 27.11 -24.76
C THR D 40 29.65 26.01 -24.02
N THR D 41 29.00 25.28 -23.14
CA THR D 41 29.67 24.19 -22.44
C THR D 41 29.75 22.96 -23.33
N PRO D 42 30.91 22.31 -23.42
CA PRO D 42 31.00 21.09 -24.21
C PRO D 42 30.07 20.01 -23.66
N LEU D 43 29.43 19.30 -24.59
CA LEU D 43 28.46 18.28 -24.21
C LEU D 43 29.10 17.12 -23.48
N ARG D 44 30.44 17.08 -23.42
CA ARG D 44 31.15 16.09 -22.61
C ARG D 44 30.62 16.10 -21.19
N ARG D 45 30.38 17.30 -20.64
CA ARG D 45 29.86 17.41 -19.29
C ARG D 45 28.53 16.73 -19.15
N LEU D 46 27.64 16.93 -20.13
CA LEU D 46 26.36 16.23 -20.12
C LEU D 46 26.56 14.72 -20.26
N MET D 47 27.38 14.31 -21.22
CA MET D 47 27.59 12.87 -21.42
C MET D 47 28.21 12.22 -20.20
N GLU D 48 29.16 12.90 -19.56
CA GLU D 48 29.77 12.37 -18.35
C GLU D 48 28.76 12.27 -17.21
N ALA D 49 27.96 13.33 -17.01
CA ALA D 49 26.95 13.28 -15.96
C ALA D 49 25.96 12.15 -16.22
N PHE D 50 25.61 11.93 -17.50
CA PHE D 50 24.70 10.83 -17.81
C PHE D 50 25.35 9.48 -17.53
N ALA D 51 26.59 9.31 -17.98
CA ALA D 51 27.28 8.03 -17.81
C ALA D 51 27.46 7.70 -16.34
N LYS D 52 27.81 8.71 -15.54
CA LYS D 52 28.03 8.51 -14.11
C LYS D 52 26.79 7.96 -13.40
N ARG D 53 25.59 8.34 -13.87
CA ARG D 53 24.36 7.85 -13.26
C ARG D 53 24.16 6.36 -13.47
N GLN D 54 24.50 5.86 -14.65
CA GLN D 54 24.29 4.46 -14.97
C GLN D 54 25.49 3.59 -14.65
N GLY D 55 26.49 4.13 -13.97
CA GLY D 55 27.70 3.38 -13.64
C GLY D 55 28.34 2.73 -14.86
N LYS D 56 28.26 3.39 -16.00
CA LYS D 56 28.74 2.83 -17.26
C LYS D 56 29.90 3.67 -17.78
N GLU D 57 30.74 3.05 -18.59
CA GLU D 57 31.89 3.73 -19.16
C GLU D 57 31.45 4.63 -20.32
N MET D 58 32.13 5.77 -20.46
CA MET D 58 31.82 6.71 -21.54
C MET D 58 31.98 6.04 -22.90
N ASP D 59 32.99 5.19 -23.06
CA ASP D 59 33.24 4.54 -24.34
C ASP D 59 32.06 3.68 -24.78
N SER D 60 31.32 3.11 -23.84
CA SER D 60 30.22 2.21 -24.17
C SER D 60 28.95 2.91 -24.64
N LEU D 61 28.86 4.23 -24.53
CA LEU D 61 27.64 4.96 -24.85
C LEU D 61 27.80 5.80 -26.11
N ARG D 62 26.68 5.96 -26.83
CA ARG D 62 26.59 6.83 -27.99
C ARG D 62 25.42 7.78 -27.78
N PHE D 63 25.66 9.06 -27.96
CA PHE D 63 24.64 10.09 -27.84
C PHE D 63 24.35 10.65 -29.22
N LEU D 64 23.08 10.63 -29.62
CA LEU D 64 22.68 10.99 -30.97
C LEU D 64 21.74 12.19 -30.90
N TYR D 65 21.95 13.15 -31.80
CA TYR D 65 21.10 14.33 -31.92
C TYR D 65 20.78 14.56 -33.38
N ASP D 66 19.50 14.69 -33.70
CA ASP D 66 19.06 14.78 -35.09
C ASP D 66 19.66 13.64 -35.90
N GLY D 67 19.81 12.48 -35.27
CA GLY D 67 20.39 11.32 -35.92
C GLY D 67 21.89 11.32 -36.04
N ILE D 68 22.57 12.39 -35.63
CA ILE D 68 24.02 12.50 -35.77
C ILE D 68 24.66 12.29 -34.41
N ARG D 69 25.75 11.53 -34.39
CA ARG D 69 26.47 11.27 -33.16
C ARG D 69 27.09 12.55 -32.62
N ILE D 70 26.89 12.80 -31.33
CA ILE D 70 27.47 13.97 -30.70
C ILE D 70 28.90 13.67 -30.30
N GLN D 71 29.81 14.58 -30.63
CA GLN D 71 31.20 14.50 -30.20
C GLN D 71 31.38 15.35 -28.94
N ALA D 72 32.19 14.85 -28.01
CA ALA D 72 32.27 15.45 -26.68
C ALA D 72 32.71 16.91 -26.73
N ASP D 73 33.49 17.28 -27.74
CA ASP D 73 33.95 18.66 -27.89
C ASP D 73 32.86 19.61 -28.38
N GLN D 74 31.79 19.09 -29.00
CA GLN D 74 30.77 19.96 -29.55
C GLN D 74 29.90 20.56 -28.42
N THR D 75 29.44 21.78 -28.65
CA THR D 75 28.59 22.47 -27.71
C THR D 75 27.16 22.56 -28.25
N PRO D 76 26.18 22.82 -27.40
CA PRO D 76 24.81 23.02 -27.92
C PRO D 76 24.74 24.13 -28.95
N GLU D 77 25.49 25.21 -28.73
CA GLU D 77 25.59 26.27 -29.73
C GLU D 77 26.17 25.75 -31.04
N ASP D 78 27.21 24.91 -30.96
CA ASP D 78 27.76 24.27 -32.16
C ASP D 78 26.69 23.56 -32.95
N LEU D 79 25.83 22.80 -32.28
CA LEU D 79 24.86 21.94 -32.94
C LEU D 79 23.51 22.62 -33.15
N ASP D 80 23.41 23.93 -32.90
CA ASP D 80 22.18 24.67 -33.11
CA ASP D 80 22.18 24.68 -33.11
C ASP D 80 21.01 24.06 -32.34
N MET D 81 21.29 23.56 -31.13
CA MET D 81 20.27 22.94 -30.30
C MET D 81 19.30 23.98 -29.76
N GLU D 82 18.06 23.55 -29.56
CA GLU D 82 17.01 24.38 -28.98
C GLU D 82 16.65 23.89 -27.58
N ASP D 83 16.00 24.75 -26.80
CA ASP D 83 15.56 24.36 -25.48
C ASP D 83 14.64 23.15 -25.56
N ASN D 84 14.86 22.20 -24.66
CA ASN D 84 14.11 20.95 -24.54
C ASN D 84 14.28 20.03 -25.75
N ASP D 85 15.34 20.22 -26.54
CA ASP D 85 15.67 19.23 -27.57
C ASP D 85 16.00 17.89 -26.93
N ILE D 86 15.90 16.84 -27.72
CA ILE D 86 16.05 15.47 -27.25
C ILE D 86 17.35 14.89 -27.80
N ILE D 87 18.15 14.31 -26.92
CA ILE D 87 19.32 13.52 -27.28
C ILE D 87 18.99 12.06 -26.97
N GLU D 88 19.29 11.17 -27.91
CA GLU D 88 19.09 9.74 -27.73
C GLU D 88 20.40 9.12 -27.27
N ALA D 89 20.34 8.34 -26.19
CA ALA D 89 21.48 7.61 -25.66
C ALA D 89 21.35 6.13 -25.98
N HIS D 90 22.37 5.56 -26.63
CA HIS D 90 22.40 4.16 -27.04
C HIS D 90 23.58 3.44 -26.39
N ARG D 91 23.42 2.14 -26.17
CA ARG D 91 24.45 1.31 -25.54
C ARG D 91 25.08 0.41 -26.60
N GLU D 92 26.33 0.69 -26.96
CA GLU D 92 26.99 0.03 -28.07
C GLU D 92 28.31 -0.62 -27.64
N GLN D 93 28.70 -1.63 -28.40
CA GLN D 93 30.04 -2.20 -28.39
C GLN D 93 30.71 -1.82 -29.70
N ILE D 94 32.05 -1.80 -29.70
CA ILE D 94 32.77 -1.34 -30.88
C ILE D 94 32.44 -2.20 -32.10
N GLY D 95 32.50 -3.51 -31.93
CA GLY D 95 32.23 -4.42 -33.04
C GLY D 95 30.75 -4.74 -33.25
N GLY D 96 29.87 -3.85 -32.80
CA GLY D 96 28.45 -4.06 -33.01
C GLY D 96 27.78 -4.95 -31.98
N SER D 97 26.78 -4.42 -31.29
CA SER D 97 26.01 -5.19 -30.33
C SER D 97 24.86 -5.93 -31.03
N THR D 98 24.44 -7.03 -30.42
CA THR D 98 23.39 -7.88 -30.97
C THR D 98 22.37 -8.17 -29.88
N VAL D 99 21.13 -7.77 -30.11
CA VAL D 99 20.04 -8.04 -29.17
C VAL D 99 19.19 -9.16 -29.74
N VAL D 100 19.10 -10.27 -29.01
CA VAL D 100 18.34 -11.44 -29.44
C VAL D 100 17.00 -11.40 -28.75
N THR D 101 15.92 -11.62 -29.51
CA THR D 101 14.59 -11.83 -28.95
C THR D 101 14.14 -13.26 -29.25
N THR D 102 13.84 -14.03 -28.20
CA THR D 102 13.41 -15.41 -28.39
C THR D 102 11.89 -15.49 -28.56
N GLU D 103 11.41 -16.71 -28.83
CA GLU D 103 9.98 -16.97 -28.99
C GLU D 103 9.20 -16.70 -27.72
N SER D 104 9.84 -16.74 -26.55
CA SER D 104 9.16 -16.43 -25.30
C SER D 104 8.97 -14.93 -25.09
N GLY D 105 9.62 -14.09 -25.91
CA GLY D 105 9.63 -12.66 -25.69
C GLY D 105 10.81 -12.16 -24.87
N LEU D 106 11.62 -13.05 -24.31
CA LEU D 106 12.85 -12.65 -23.66
C LEU D 106 13.78 -11.97 -24.67
N LYS D 107 14.42 -10.90 -24.23
CA LYS D 107 15.51 -10.29 -24.98
C LYS D 107 16.79 -10.45 -24.18
N TYR D 108 17.90 -10.67 -24.88
CA TYR D 108 19.17 -10.64 -24.17
C TYR D 108 20.26 -10.15 -25.10
N GLU D 109 21.35 -9.69 -24.49
CA GLU D 109 22.48 -9.12 -25.18
C GLU D 109 23.74 -9.46 -24.40
N ASP D 110 24.70 -10.11 -25.06
CA ASP D 110 25.97 -10.42 -24.42
C ASP D 110 26.86 -9.18 -24.44
N LEU D 111 27.07 -8.57 -23.27
CA LEU D 111 27.96 -7.42 -23.18
C LEU D 111 29.42 -7.83 -23.10
N THR D 112 29.69 -8.95 -22.45
CA THR D 112 31.01 -9.55 -22.35
C THR D 112 30.85 -11.05 -22.60
N GLU D 113 31.72 -11.61 -23.44
CA GLU D 113 31.53 -13.01 -23.86
C GLU D 113 31.97 -14.02 -22.80
N GLY D 114 33.06 -13.78 -22.10
CA GLY D 114 33.54 -14.77 -21.15
C GLY D 114 34.19 -15.92 -21.91
N SER D 115 34.79 -16.84 -21.16
CA SER D 115 35.49 -17.96 -21.77
C SER D 115 35.06 -19.29 -21.16
N GLY D 116 35.36 -20.36 -21.88
CA GLY D 116 35.10 -21.72 -21.40
C GLY D 116 33.72 -22.25 -21.74
N ALA D 117 33.31 -23.25 -20.96
CA ALA D 117 32.09 -23.99 -21.22
C ALA D 117 30.83 -23.18 -20.89
N GLU D 118 29.77 -23.48 -21.62
CA GLU D 118 28.51 -22.77 -21.45
C GLU D 118 27.78 -23.30 -20.23
N ALA D 119 27.03 -22.40 -19.59
CA ALA D 119 26.16 -22.80 -18.49
C ALA D 119 25.03 -23.66 -19.05
N ARG D 120 24.78 -24.80 -18.42
CA ARG D 120 23.81 -25.77 -18.89
C ARG D 120 22.73 -25.97 -17.84
N ALA D 121 21.52 -26.32 -18.31
CA ALA D 121 20.43 -26.64 -17.41
C ALA D 121 20.86 -27.72 -16.43
N GLY D 122 20.53 -27.52 -15.17
CA GLY D 122 20.90 -28.47 -14.15
C GLY D 122 22.13 -28.08 -13.34
N GLN D 123 22.99 -27.22 -13.88
CA GLN D 123 24.15 -26.76 -13.11
C GLN D 123 23.74 -25.71 -12.09
N THR D 124 24.39 -25.72 -10.94
CA THR D 124 24.23 -24.64 -9.98
C THR D 124 25.24 -23.54 -10.32
N VAL D 125 24.77 -22.45 -10.85
CA VAL D 125 25.63 -21.35 -11.27
C VAL D 125 25.61 -20.29 -10.18
N SER D 126 26.71 -19.54 -10.08
CA SER D 126 26.81 -18.40 -9.17
C SER D 126 26.96 -17.14 -10.00
N VAL D 127 26.21 -16.09 -9.65
CA VAL D 127 26.21 -14.84 -10.40
C VAL D 127 26.25 -13.63 -9.49
N HIS D 128 26.71 -12.52 -10.03
CA HIS D 128 26.36 -11.21 -9.52
C HIS D 128 25.41 -10.56 -10.52
N TYR D 129 24.50 -9.74 -10.02
CA TYR D 129 23.51 -9.16 -10.91
C TYR D 129 23.04 -7.82 -10.37
N THR D 130 22.45 -7.04 -11.27
CA THR D 130 21.71 -5.86 -10.91
C THR D 130 20.38 -5.90 -11.63
N GLY D 131 19.31 -5.46 -10.96
CA GLY D 131 18.01 -5.39 -11.59
C GLY D 131 17.45 -3.99 -11.55
N TRP D 132 16.93 -3.51 -12.69
CA TRP D 132 16.30 -2.20 -12.80
C TRP D 132 14.93 -2.33 -13.46
N LEU D 133 14.04 -1.39 -13.13
CA LEU D 133 12.86 -1.16 -13.96
C LEU D 133 13.29 -0.49 -15.25
N THR D 134 12.38 -0.43 -16.23
CA THR D 134 12.78 0.15 -17.52
C THR D 134 12.98 1.67 -17.46
N ASP D 135 12.57 2.35 -16.39
CA ASP D 135 12.91 3.77 -16.23
C ASP D 135 14.26 3.98 -15.56
N GLY D 136 15.00 2.91 -15.31
CA GLY D 136 16.32 3.03 -14.73
C GLY D 136 16.38 2.95 -13.22
N GLN D 137 15.24 2.75 -12.55
CA GLN D 137 15.25 2.66 -11.10
C GLN D 137 15.71 1.26 -10.69
N LYS D 138 16.79 1.21 -9.91
CA LYS D 138 17.32 -0.07 -9.44
C LYS D 138 16.42 -0.65 -8.37
N PHE D 139 16.08 -1.94 -8.47
CA PHE D 139 15.37 -2.59 -7.38
C PHE D 139 16.22 -3.61 -6.63
N ASP D 140 17.37 -4.03 -7.17
CA ASP D 140 18.25 -4.92 -6.41
C ASP D 140 19.64 -4.91 -7.03
N SER D 141 20.62 -5.20 -6.18
CA SER D 141 22.01 -5.42 -6.56
C SER D 141 22.62 -6.42 -5.59
N SER D 142 23.10 -7.55 -6.12
CA SER D 142 23.78 -8.53 -5.29
C SER D 142 25.06 -7.95 -4.67
N LYS D 143 25.77 -7.08 -5.40
CA LYS D 143 26.97 -6.47 -4.85
C LYS D 143 26.66 -5.51 -3.71
N ASP D 144 25.52 -4.80 -3.77
CA ASP D 144 25.14 -3.91 -2.65
C ASP D 144 24.90 -4.70 -1.37
N ARG D 145 24.49 -5.95 -1.51
CA ARG D 145 24.24 -6.85 -0.39
C ARG D 145 25.40 -7.81 -0.12
N ASN D 146 26.51 -7.65 -0.84
CA ASN D 146 27.69 -8.52 -0.69
C ASN D 146 27.29 -9.99 -0.78
N ASP D 147 26.48 -10.34 -1.79
CA ASP D 147 25.76 -11.60 -1.76
C ASP D 147 25.68 -12.21 -3.16
N PRO D 148 26.69 -13.00 -3.55
CA PRO D 148 26.58 -13.73 -4.82
C PRO D 148 25.37 -14.65 -4.78
N PHE D 149 24.73 -14.80 -5.92
CA PHE D 149 23.47 -15.52 -6.00
C PHE D 149 23.66 -16.81 -6.77
N ALA D 150 23.22 -17.92 -6.17
CA ALA D 150 23.35 -19.23 -6.81
C ALA D 150 21.98 -19.88 -6.96
N PHE D 151 21.81 -20.63 -8.03
CA PHE D 151 20.55 -21.33 -8.25
C PHE D 151 20.79 -22.48 -9.23
N VAL D 152 19.88 -23.46 -9.20
CA VAL D 152 19.92 -24.57 -10.14
C VAL D 152 19.28 -24.09 -11.43
N LEU D 153 20.08 -23.98 -12.47
CA LEU D 153 19.61 -23.44 -13.74
C LEU D 153 18.51 -24.31 -14.35
N GLY D 154 17.41 -23.68 -14.75
CA GLY D 154 16.24 -24.38 -15.25
C GLY D 154 15.37 -25.04 -14.19
N GLY D 155 15.68 -24.87 -12.91
CA GLY D 155 14.96 -25.53 -11.84
C GLY D 155 13.70 -24.82 -11.34
N GLY D 156 13.30 -23.71 -11.95
CA GLY D 156 12.10 -23.05 -11.45
C GLY D 156 12.26 -22.36 -10.11
N MET D 157 13.49 -22.11 -9.66
CA MET D 157 13.74 -21.39 -8.42
C MET D 157 13.87 -19.89 -8.66
N VAL D 158 13.84 -19.45 -9.91
CA VAL D 158 13.94 -18.03 -10.29
C VAL D 158 12.83 -17.75 -11.30
N ILE D 159 12.64 -16.46 -11.61
CA ILE D 159 11.65 -16.08 -12.61
C ILE D 159 12.03 -16.73 -13.95
N LYS D 160 11.02 -16.94 -14.80
CA LYS D 160 11.21 -17.67 -16.04
C LYS D 160 12.27 -17.04 -16.92
N GLY D 161 12.31 -15.70 -16.98
CA GLY D 161 13.29 -15.04 -17.82
C GLY D 161 14.72 -15.39 -17.45
N TRP D 162 14.98 -15.68 -16.18
CA TRP D 162 16.31 -16.06 -15.72
C TRP D 162 16.64 -17.51 -16.02
N ASP D 163 15.69 -18.43 -15.81
CA ASP D 163 15.94 -19.83 -16.15
C ASP D 163 16.22 -19.97 -17.64
N GLU D 164 15.53 -19.18 -18.47
CA GLU D 164 15.83 -19.19 -19.90
C GLU D 164 17.10 -18.40 -20.21
N GLY D 165 17.24 -17.21 -19.63
CA GLY D 165 18.26 -16.27 -20.10
C GLY D 165 19.68 -16.60 -19.71
N VAL D 166 19.89 -17.26 -18.56
CA VAL D 166 21.26 -17.53 -18.12
C VAL D 166 21.87 -18.72 -18.86
N GLN D 167 21.04 -19.63 -19.41
CA GLN D 167 21.60 -20.75 -20.15
C GLN D 167 22.37 -20.24 -21.36
N GLY D 168 23.52 -20.85 -21.63
CA GLY D 168 24.38 -20.41 -22.71
C GLY D 168 25.44 -19.41 -22.31
N MET D 169 25.30 -18.74 -21.17
CA MET D 169 26.35 -17.87 -20.68
C MET D 169 27.64 -18.66 -20.43
N LYS D 170 28.77 -17.98 -20.60
CA LYS D 170 30.07 -18.54 -20.27
C LYS D 170 30.61 -17.84 -19.05
N VAL D 171 31.38 -18.59 -18.25
CA VAL D 171 32.00 -18.04 -17.06
C VAL D 171 32.81 -16.81 -17.43
N GLY D 172 32.63 -15.73 -16.68
CA GLY D 172 33.20 -14.44 -17.03
C GLY D 172 32.31 -13.60 -17.94
N GLY D 173 31.22 -14.16 -18.44
CA GLY D 173 30.36 -13.39 -19.32
C GLY D 173 29.47 -12.44 -18.53
N VAL D 174 29.09 -11.36 -19.21
CA VAL D 174 28.08 -10.45 -18.71
C VAL D 174 26.97 -10.36 -19.75
N ARG D 175 25.76 -10.67 -19.33
CA ARG D 175 24.61 -10.71 -20.22
C ARG D 175 23.55 -9.77 -19.68
N ARG D 176 22.98 -8.95 -20.57
CA ARG D 176 21.88 -8.07 -20.22
C ARG D 176 20.56 -8.72 -20.65
N LEU D 177 19.67 -8.93 -19.68
CA LEU D 177 18.36 -9.54 -19.92
C LEU D 177 17.27 -8.48 -19.85
N THR D 178 16.39 -8.47 -20.85
CA THR D 178 15.18 -7.64 -20.83
C THR D 178 13.98 -8.58 -20.79
N ILE D 179 13.33 -8.65 -19.65
CA ILE D 179 12.39 -9.71 -19.30
C ILE D 179 10.96 -9.14 -19.31
N PRO D 180 10.10 -9.57 -20.21
CA PRO D 180 8.70 -9.11 -20.18
C PRO D 180 7.98 -9.68 -18.97
N PRO D 181 6.88 -9.03 -18.54
CA PRO D 181 6.28 -9.40 -17.25
C PRO D 181 5.81 -10.84 -17.18
N GLN D 182 5.37 -11.42 -18.28
CA GLN D 182 4.90 -12.81 -18.19
C GLN D 182 6.04 -13.78 -17.93
N LEU D 183 7.29 -13.32 -18.06
CA LEU D 183 8.45 -14.10 -17.67
C LEU D 183 9.07 -13.55 -16.40
N GLY D 184 8.39 -12.61 -15.75
CA GLY D 184 8.86 -11.98 -14.53
C GLY D 184 7.86 -12.14 -13.41
N TYR D 185 7.29 -11.04 -12.91
CA TYR D 185 6.33 -11.10 -11.81
C TYR D 185 4.90 -10.81 -12.24
N GLY D 186 4.65 -10.70 -13.54
CA GLY D 186 3.28 -10.73 -14.04
C GLY D 186 2.40 -9.57 -13.59
N ALA D 187 1.09 -9.84 -13.60
CA ALA D 187 0.11 -8.82 -13.27
C ALA D 187 0.21 -8.37 -11.82
N ARG D 188 0.62 -9.25 -10.93
CA ARG D 188 0.62 -8.87 -9.52
C ARG D 188 1.79 -7.94 -9.21
N GLY D 189 2.93 -8.14 -9.86
CA GLY D 189 4.08 -7.40 -9.44
C GLY D 189 4.62 -7.97 -8.15
N ALA D 190 5.41 -7.14 -7.45
CA ALA D 190 6.06 -7.62 -6.22
C ALA D 190 6.04 -6.44 -5.26
N GLY D 191 4.99 -6.40 -4.43
CA GLY D 191 4.92 -5.40 -3.39
C GLY D 191 4.87 -4.01 -3.97
N GLY D 192 5.86 -3.19 -3.62
CA GLY D 192 5.89 -1.81 -4.03
C GLY D 192 6.97 -1.48 -5.05
N VAL D 193 8.05 -2.25 -5.09
CA VAL D 193 9.14 -1.81 -5.95
C VAL D 193 9.03 -2.37 -7.37
N ILE D 194 8.27 -3.45 -7.57
CA ILE D 194 8.04 -3.96 -8.91
C ILE D 194 6.56 -3.82 -9.24
N PRO D 195 6.19 -2.90 -10.12
CA PRO D 195 4.77 -2.66 -10.42
C PRO D 195 4.15 -3.82 -11.19
N PRO D 196 2.82 -3.87 -11.28
CA PRO D 196 2.18 -4.85 -12.17
C PRO D 196 2.70 -4.72 -13.59
N ASN D 197 2.82 -5.86 -14.27
CA ASN D 197 3.11 -5.89 -15.71
C ASN D 197 4.45 -5.21 -16.02
N ALA D 198 5.43 -5.37 -15.15
CA ALA D 198 6.68 -4.65 -15.29
C ALA D 198 7.65 -5.46 -16.13
N THR D 199 8.23 -4.80 -17.12
CA THR D 199 9.40 -5.35 -17.80
C THR D 199 10.63 -5.12 -16.94
N LEU D 200 11.48 -6.13 -16.85
CA LEU D 200 12.62 -6.10 -15.94
C LEU D 200 13.92 -6.14 -16.72
N VAL D 201 14.89 -5.33 -16.29
CA VAL D 201 16.22 -5.35 -16.91
C VAL D 201 17.22 -5.84 -15.88
N PHE D 202 17.97 -6.86 -16.24
CA PHE D 202 19.04 -7.38 -15.40
C PHE D 202 20.34 -7.37 -16.17
N GLU D 203 21.44 -7.07 -15.47
CA GLU D 203 22.77 -7.40 -15.95
C GLU D 203 23.33 -8.48 -15.04
N VAL D 204 23.76 -9.57 -15.65
CA VAL D 204 24.11 -10.79 -14.92
C VAL D 204 25.54 -11.14 -15.29
N GLU D 205 26.38 -11.32 -14.28
CA GLU D 205 27.75 -11.77 -14.48
C GLU D 205 27.87 -13.18 -13.94
N LEU D 206 28.29 -14.13 -14.79
CA LEU D 206 28.47 -15.51 -14.37
C LEU D 206 29.86 -15.60 -13.75
N LEU D 207 29.92 -15.98 -12.47
CA LEU D 207 31.17 -15.89 -11.73
C LEU D 207 31.99 -17.14 -11.90
N ASP D 208 33.31 -16.98 -11.78
CA ASP D 208 34.26 -18.07 -11.84
C ASP D 208 34.57 -18.50 -10.41
N VAL D 209 34.16 -19.71 -10.03
CA VAL D 209 34.48 -20.21 -8.68
C VAL D 209 35.05 -21.63 -8.72
#